data_1HUO
#
_entry.id   1HUO
#
_cell.length_a   105.911
_cell.length_b   56.162
_cell.length_c   86.055
_cell.angle_alpha   90
_cell.angle_beta   107.25
_cell.angle_gamma   90
#
_symmetry.space_group_name_H-M   'P 1 21 1'
#
loop_
_entity.id
_entity.type
_entity.pdbx_description
1 polymer "5'-D(*AP*AP*TP*AP*GP*GP*CP*GP*TP*CP*G)-3'"
2 polymer "5'-D(P*CP*GP*AP*CP*GP*CP*C)-3'"
3 polymer 'DNA POLYMERASE BETA'
4 non-polymer 'CHROMIUM ION'
5 non-polymer 'PHOSPHOMETHYL PHOSPHONIC ACID DEOXYTHYMIDYLATE ESTER'
6 water water
#
loop_
_entity_poly.entity_id
_entity_poly.type
_entity_poly.pdbx_seq_one_letter_code
_entity_poly.pdbx_strand_id
1 'polydeoxyribonucleotide' (DA)(DA)(DT)(DA)(DG)(DG)(DC)(DG)(DT)(DC)(DG) T,C
2 'polydeoxyribonucleotide' (DC)(DG)(DA)(DC)(DG)(DC)(DC) P,D
3 'polypeptide(L)'
;MSKRKAPQETLNGGITDMLVELANFEKNVSQAIHKYNAYRKAASVIAKYPHKIKSGAEAKKLPGVGTKIAEKIDEFLATG
KLRKLEKIRQDDTSSSINFLTRVTGIGPSAARKLVDEGIKTLEDLRKNEDKLNHHQRIGLKYFEDFEKRIPREEMLQMQD
IVLNEVKKLDPEYIATVCGSFRRGAESSGDMDVLLTHPNFTSESSKQPKLLHRVVEQLQKVRFITDTLSKGETKFMGVCQ
LPSENDENEYPHRRIDIRLIPKDQYYCGVLYFTGSDIFNKNMRAHALEKGFTINEYTIRPLGVTGVAGEPLPVDSEQDIF
DYIQWRYREPKDRSE
;
A,B
#
# COMPACT_ATOMS: atom_id res chain seq x y z
N THR E 10 38.98 9.98 17.19
CA THR E 10 39.35 11.06 18.15
C THR E 10 40.89 11.20 18.31
N LEU E 11 41.34 12.42 18.55
CA LEU E 11 42.77 12.71 18.68
C LEU E 11 43.27 12.80 20.13
N ASN E 12 42.45 13.39 21.00
CA ASN E 12 42.80 13.53 22.42
C ASN E 12 41.68 12.92 23.28
N GLY E 13 41.11 11.84 22.75
CA GLY E 13 40.02 11.14 23.42
C GLY E 13 40.21 10.89 24.90
N GLY E 14 41.39 10.41 25.26
CA GLY E 14 41.70 10.09 26.65
C GLY E 14 41.65 11.26 27.63
N ILE E 15 41.98 12.46 27.16
CA ILE E 15 41.97 13.63 28.05
C ILE E 15 40.56 14.20 28.18
N THR E 16 39.76 14.04 27.11
CA THR E 16 38.41 14.55 27.15
C THR E 16 37.66 13.57 28.03
N ASP E 17 37.81 12.29 27.73
CA ASP E 17 37.16 11.26 28.52
C ASP E 17 37.49 11.45 30.01
N MET E 18 38.76 11.68 30.31
CA MET E 18 39.20 11.88 31.69
C MET E 18 38.52 13.06 32.35
N LEU E 19 38.56 14.21 31.69
CA LEU E 19 37.96 15.44 32.23
C LEU E 19 36.45 15.37 32.41
N VAL E 20 35.77 14.57 31.58
CA VAL E 20 34.33 14.44 31.71
C VAL E 20 33.97 13.55 32.90
N GLU E 21 34.76 12.51 33.12
CA GLU E 21 34.56 11.58 34.23
C GLU E 21 34.79 12.37 35.52
N LEU E 22 35.69 13.32 35.45
CA LEU E 22 36.02 14.16 36.58
C LEU E 22 34.90 15.17 36.76
N ALA E 23 34.21 15.46 35.68
CA ALA E 23 33.11 16.42 35.68
C ALA E 23 31.87 15.85 36.37
N ASN E 24 31.46 14.65 35.97
CA ASN E 24 30.30 13.98 36.56
C ASN E 24 30.49 13.88 38.06
N PHE E 25 31.70 13.48 38.44
CA PHE E 25 32.09 13.28 39.83
C PHE E 25 31.98 14.57 40.66
N GLU E 26 32.27 15.70 40.02
CA GLU E 26 32.21 17.00 40.72
C GLU E 26 30.76 17.51 40.78
N LYS E 27 29.86 16.77 40.14
CA LYS E 27 28.47 17.18 40.16
C LYS E 27 27.69 16.16 41.02
N ASN E 28 27.51 14.97 40.46
CA ASN E 28 26.82 13.89 41.14
C ASN E 28 27.30 13.62 42.56
N VAL E 29 28.61 13.69 42.79
CA VAL E 29 29.17 13.41 44.11
C VAL E 29 29.59 14.59 45.00
N SER E 30 30.25 15.59 44.41
CA SER E 30 30.71 16.74 45.20
C SER E 30 29.80 17.94 45.16
N GLN E 31 29.04 18.05 44.06
CA GLN E 31 28.09 19.15 43.86
C GLN E 31 28.81 20.50 43.82
N ALA E 32 29.98 20.49 43.19
CA ALA E 32 30.84 21.66 42.99
C ALA E 32 30.59 22.02 41.54
N ILE E 33 29.54 22.81 41.31
CA ILE E 33 29.13 23.17 39.97
C ILE E 33 30.24 23.78 39.13
N HIS E 34 30.97 24.69 39.73
CA HIS E 34 32.06 25.37 39.05
C HIS E 34 33.14 24.39 38.60
N LYS E 35 33.57 23.49 39.49
CA LYS E 35 34.58 22.49 39.15
C LYS E 35 34.04 21.46 38.16
N TYR E 36 32.77 21.58 37.79
CA TYR E 36 32.15 20.64 36.84
C TYR E 36 32.02 21.36 35.51
N ASN E 37 31.71 22.64 35.57
CA ASN E 37 31.57 23.46 34.40
C ASN E 37 32.93 23.60 33.76
N ALA E 38 33.95 23.78 34.60
CA ALA E 38 35.32 23.92 34.19
C ALA E 38 35.85 22.71 33.45
N TYR E 39 35.67 21.51 34.01
CA TYR E 39 36.15 20.30 33.34
C TYR E 39 35.33 20.07 32.07
N ARG E 40 34.19 20.75 31.99
CA ARG E 40 33.28 20.66 30.85
C ARG E 40 33.77 21.61 29.76
N LYS E 41 34.04 22.85 30.15
CA LYS E 41 34.51 23.88 29.25
C LYS E 41 35.81 23.44 28.59
N ALA E 42 36.71 22.86 29.38
CA ALA E 42 38.02 22.41 28.90
C ALA E 42 37.92 21.24 27.96
N ALA E 43 37.02 20.32 28.28
CA ALA E 43 36.86 19.15 27.44
C ALA E 43 36.48 19.54 26.03
N SER E 44 35.69 20.61 25.86
CA SER E 44 35.32 21.01 24.51
C SER E 44 36.46 21.78 23.87
N VAL E 45 37.01 22.77 24.58
CA VAL E 45 38.15 23.54 24.07
C VAL E 45 39.27 22.59 23.58
N ILE E 46 39.32 21.40 24.15
CA ILE E 46 40.33 20.40 23.80
C ILE E 46 39.90 19.47 22.68
N ALA E 47 38.60 19.25 22.52
CA ALA E 47 38.12 18.37 21.44
C ALA E 47 38.31 19.08 20.11
N LYS E 48 38.41 20.41 20.19
CA LYS E 48 38.59 21.27 19.04
C LYS E 48 40.07 21.31 18.60
N TYR E 49 40.96 21.39 19.59
CA TYR E 49 42.44 21.46 19.39
C TYR E 49 42.93 20.50 18.29
N PRO E 50 43.46 21.06 17.20
CA PRO E 50 43.96 20.32 16.03
C PRO E 50 45.12 19.33 16.26
N HIS E 51 46.00 19.58 17.22
CA HIS E 51 47.18 18.67 17.42
C HIS E 51 47.05 17.83 18.68
N LYS E 52 47.78 16.72 18.68
CA LYS E 52 47.82 15.81 19.80
C LYS E 52 48.52 16.56 20.91
N ILE E 53 47.93 16.55 22.10
CA ILE E 53 48.51 17.25 23.23
C ILE E 53 49.59 16.36 23.82
N LYS E 54 50.75 16.98 24.06
CA LYS E 54 51.91 16.26 24.54
C LYS E 54 52.35 16.62 25.92
N SER E 55 51.72 17.62 26.51
CA SER E 55 52.07 18.02 27.87
C SER E 55 50.99 18.89 28.49
N GLY E 56 51.14 19.14 29.78
CA GLY E 56 50.17 19.96 30.47
C GLY E 56 50.25 21.42 30.10
N ALA E 57 51.46 21.94 29.95
CA ALA E 57 51.66 23.36 29.62
C ALA E 57 51.18 23.70 28.21
N GLU E 58 51.37 22.77 27.28
CA GLU E 58 50.91 23.01 25.93
C GLU E 58 49.41 23.25 26.02
N ALA E 59 48.77 22.41 26.80
CA ALA E 59 47.33 22.46 27.01
C ALA E 59 46.86 23.60 27.89
N LYS E 60 47.73 24.14 28.73
CA LYS E 60 47.33 25.24 29.61
C LYS E 60 47.13 26.53 28.83
N LYS E 61 47.74 26.60 27.63
CA LYS E 61 47.65 27.77 26.76
C LYS E 61 46.25 27.90 26.18
N LEU E 62 45.52 26.80 26.23
CA LEU E 62 44.15 26.74 25.76
C LEU E 62 43.31 27.48 26.78
N PRO E 63 42.29 28.21 26.32
CA PRO E 63 41.44 28.94 27.28
C PRO E 63 40.50 27.87 27.85
N GLY E 64 40.14 27.99 29.12
CA GLY E 64 39.30 26.98 29.71
C GLY E 64 40.10 25.93 30.45
N VAL E 65 41.43 25.99 30.35
CA VAL E 65 42.28 25.03 31.05
C VAL E 65 43.42 25.76 31.73
N GLY E 66 43.40 25.77 33.06
CA GLY E 66 44.41 26.45 33.86
C GLY E 66 45.35 25.46 34.56
N THR E 67 45.80 25.81 35.77
CA THR E 67 46.83 24.99 36.44
C THR E 67 46.36 23.62 37.02
N LYS E 68 45.15 23.51 37.56
CA LYS E 68 44.73 22.20 38.17
C LYS E 68 44.32 21.18 37.12
N ILE E 69 44.00 21.65 35.92
CA ILE E 69 43.64 20.72 34.84
C ILE E 69 44.91 20.35 34.11
N ALA E 70 45.83 21.32 34.00
CA ALA E 70 47.09 21.05 33.31
C ALA E 70 47.80 19.93 34.08
N GLU E 71 47.84 20.04 35.41
CA GLU E 71 48.46 19.05 36.29
C GLU E 71 47.97 17.63 36.04
N LYS E 72 46.66 17.48 35.90
CA LYS E 72 46.05 16.17 35.68
C LYS E 72 46.36 15.64 34.29
N ILE E 73 46.50 16.57 33.33
CA ILE E 73 46.84 16.22 31.96
C ILE E 73 48.30 15.75 31.97
N ASP E 74 49.13 16.46 32.74
CA ASP E 74 50.54 16.13 32.87
C ASP E 74 50.71 14.76 33.47
N GLU E 75 49.93 14.47 34.50
CA GLU E 75 50.01 13.16 35.12
C GLU E 75 49.42 12.09 34.22
N PHE E 76 48.45 12.47 33.40
CA PHE E 76 47.84 11.49 32.52
C PHE E 76 48.78 11.11 31.37
N LEU E 77 49.53 12.08 30.87
CA LEU E 77 50.48 11.81 29.78
C LEU E 77 51.65 10.99 30.35
N ALA E 78 52.16 11.45 31.50
CA ALA E 78 53.26 10.80 32.20
C ALA E 78 52.91 9.36 32.44
N THR E 79 51.98 9.15 33.36
CA THR E 79 51.48 7.83 33.68
C THR E 79 50.22 7.72 32.86
N GLY E 80 49.94 6.58 32.25
CA GLY E 80 48.72 6.48 31.45
C GLY E 80 47.41 6.46 32.24
N LYS E 81 47.37 7.18 33.37
CA LYS E 81 46.17 7.23 34.19
C LYS E 81 46.21 8.44 35.12
N LEU E 82 45.22 8.52 36.01
CA LEU E 82 45.14 9.61 36.98
C LEU E 82 44.77 8.98 38.31
N ARG E 83 45.59 9.17 39.34
CA ARG E 83 45.31 8.58 40.64
C ARG E 83 43.93 8.96 41.17
N LYS E 84 43.67 10.26 41.20
CA LYS E 84 42.40 10.79 41.69
C LYS E 84 41.21 10.10 41.01
N LEU E 85 41.36 9.77 39.75
CA LEU E 85 40.28 9.09 39.06
C LEU E 85 40.18 7.69 39.58
N GLU E 86 41.33 7.02 39.66
CA GLU E 86 41.40 5.63 40.14
C GLU E 86 40.84 5.43 41.55
N LYS E 87 41.17 6.35 42.47
CA LYS E 87 40.68 6.28 43.84
C LYS E 87 39.17 6.42 43.79
N ILE E 88 38.71 7.50 43.14
CA ILE E 88 37.29 7.79 42.97
C ILE E 88 36.52 6.56 42.52
N ARG E 89 37.07 5.83 41.55
CA ARG E 89 36.42 4.63 41.03
C ARG E 89 36.34 3.50 42.07
N GLN E 90 37.23 3.54 43.04
CA GLN E 90 37.27 2.53 44.09
C GLN E 90 36.37 2.86 45.28
N ASP E 91 36.17 4.16 45.54
CA ASP E 91 35.31 4.60 46.63
C ASP E 91 33.87 4.17 46.47
N ASP E 92 33.38 3.33 47.38
CA ASP E 92 32.00 2.83 47.32
C ASP E 92 30.91 3.89 47.35
N THR E 93 30.97 4.82 48.31
CA THR E 93 29.95 5.85 48.37
C THR E 93 29.84 6.68 47.09
N SER E 94 30.95 6.80 46.35
CA SER E 94 30.97 7.55 45.10
C SER E 94 30.29 6.78 43.98
N SER E 95 30.72 5.53 43.78
CA SER E 95 30.11 4.74 42.71
C SER E 95 28.65 4.47 43.01
N SER E 96 28.28 4.55 44.28
CA SER E 96 26.89 4.33 44.69
C SER E 96 26.09 5.57 44.30
N ILE E 97 26.51 6.73 44.82
CA ILE E 97 25.86 8.00 44.56
C ILE E 97 25.70 8.23 43.07
N ASN E 98 26.79 8.06 42.33
CA ASN E 98 26.79 8.27 40.88
C ASN E 98 25.77 7.38 40.19
N PHE E 99 25.73 6.12 40.59
CA PHE E 99 24.80 5.16 40.00
C PHE E 99 23.32 5.47 40.24
N LEU E 100 22.99 5.95 41.44
CA LEU E 100 21.60 6.27 41.73
C LEU E 100 21.11 7.41 40.84
N THR E 101 22.03 8.23 40.39
CA THR E 101 21.73 9.36 39.51
C THR E 101 21.12 8.86 38.20
N ARG E 102 21.54 7.68 37.76
CA ARG E 102 21.03 7.08 36.53
C ARG E 102 19.52 6.90 36.58
N VAL E 103 18.98 6.81 37.80
CA VAL E 103 17.55 6.65 37.97
C VAL E 103 16.95 8.02 37.71
N THR E 104 15.93 8.07 36.86
CA THR E 104 15.30 9.36 36.57
C THR E 104 14.46 9.77 37.78
N GLY E 105 14.71 10.97 38.28
CA GLY E 105 14.00 11.49 39.44
C GLY E 105 15.05 11.64 40.53
N ILE E 106 16.05 10.76 40.50
CA ILE E 106 17.13 10.79 41.47
C ILE E 106 18.30 11.62 40.93
N GLY E 107 18.57 12.74 41.59
CA GLY E 107 19.66 13.63 41.18
C GLY E 107 20.82 13.63 42.15
N PRO E 108 21.59 14.73 42.20
CA PRO E 108 22.71 14.69 43.15
C PRO E 108 22.35 14.55 44.62
N SER E 109 21.55 15.45 45.19
CA SER E 109 21.14 15.39 46.62
C SER E 109 20.46 14.08 47.05
N ALA E 110 19.43 13.69 46.32
CA ALA E 110 18.68 12.47 46.59
C ALA E 110 19.56 11.21 46.59
N ALA E 111 20.46 11.09 45.62
CA ALA E 111 21.35 9.93 45.54
C ALA E 111 22.21 9.84 46.80
N ARG E 112 22.64 11.01 47.25
CA ARG E 112 23.48 11.18 48.44
C ARG E 112 22.81 10.72 49.73
N LYS E 113 21.53 11.08 49.89
CA LYS E 113 20.79 10.69 51.09
C LYS E 113 20.49 9.21 51.06
N LEU E 114 20.09 8.71 49.91
CA LEU E 114 19.82 7.28 49.77
C LEU E 114 21.08 6.48 50.05
N VAL E 115 22.24 7.04 49.74
CA VAL E 115 23.50 6.35 50.01
C VAL E 115 23.86 6.52 51.47
N ASP E 116 23.71 7.75 51.97
CA ASP E 116 23.98 8.05 53.36
C ASP E 116 23.21 7.06 54.26
N GLU E 117 21.98 6.73 53.85
CA GLU E 117 21.14 5.80 54.61
C GLU E 117 21.30 4.32 54.26
N GLY E 118 22.45 3.99 53.67
CA GLY E 118 22.70 2.59 53.33
C GLY E 118 22.09 2.05 52.07
N ILE E 119 21.26 2.84 51.41
CA ILE E 119 20.65 2.38 50.15
C ILE E 119 21.68 2.70 49.06
N LYS E 120 22.10 1.67 48.33
CA LYS E 120 23.11 1.83 47.31
C LYS E 120 22.78 1.23 45.96
N THR E 121 22.20 0.03 45.98
CA THR E 121 21.86 -0.67 44.75
C THR E 121 20.42 -0.47 44.29
N LEU E 122 20.08 -1.13 43.19
CA LEU E 122 18.76 -1.07 42.65
C LEU E 122 17.84 -1.81 43.60
N GLU E 123 18.17 -3.06 43.91
CA GLU E 123 17.39 -3.90 44.81
C GLU E 123 17.15 -3.26 46.19
N ASP E 124 18.19 -2.64 46.73
CA ASP E 124 18.07 -1.95 48.02
C ASP E 124 16.94 -0.96 47.90
N LEU E 125 16.97 -0.24 46.77
CA LEU E 125 16.00 0.79 46.43
C LEU E 125 14.63 0.14 46.25
N ARG E 126 14.61 -1.04 45.63
CA ARG E 126 13.39 -1.78 45.39
C ARG E 126 12.82 -2.34 46.70
N LYS E 127 13.54 -2.12 47.79
CA LYS E 127 13.11 -2.57 49.11
C LYS E 127 12.89 -1.34 49.97
N ASN E 128 12.98 -0.16 49.38
CA ASN E 128 12.81 1.10 50.12
C ASN E 128 12.07 2.17 49.33
N GLU E 129 11.10 1.74 48.52
CA GLU E 129 10.29 2.65 47.72
C GLU E 129 9.62 3.73 48.57
N ASP E 130 9.49 3.47 49.86
CA ASP E 130 8.86 4.43 50.74
C ASP E 130 9.68 5.71 50.92
N LYS E 131 10.85 5.74 50.30
CA LYS E 131 11.72 6.91 50.40
C LYS E 131 11.72 7.71 49.12
N LEU E 132 11.45 7.00 48.02
CA LEU E 132 11.37 7.61 46.71
C LEU E 132 10.03 8.31 46.55
N ASN E 133 9.96 9.28 45.64
CA ASN E 133 8.71 9.96 45.37
C ASN E 133 8.16 9.26 44.16
N HIS E 134 6.97 9.66 43.70
CA HIS E 134 6.36 9.02 42.54
C HIS E 134 7.33 8.91 41.34
N HIS E 135 7.83 10.06 40.88
CA HIS E 135 8.77 10.09 39.75
C HIS E 135 9.92 9.10 39.96
N GLN E 136 10.65 9.24 41.06
CA GLN E 136 11.76 8.34 41.37
C GLN E 136 11.35 6.86 41.36
N ARG E 137 10.09 6.59 41.72
CA ARG E 137 9.54 5.23 41.76
C ARG E 137 9.35 4.65 40.37
N ILE E 138 8.77 5.44 39.48
CA ILE E 138 8.54 5.01 38.09
C ILE E 138 9.92 4.78 37.44
N GLY E 139 10.88 5.65 37.75
CA GLY E 139 12.23 5.53 37.22
C GLY E 139 12.80 4.18 37.63
N LEU E 140 12.69 3.93 38.93
CA LEU E 140 13.15 2.68 39.54
C LEU E 140 12.42 1.49 38.90
N LYS E 141 11.15 1.71 38.52
CA LYS E 141 10.36 0.65 37.91
C LYS E 141 10.86 0.28 36.52
N TYR E 142 11.41 1.26 35.82
CA TYR E 142 11.91 1.08 34.45
C TYR E 142 13.38 1.42 34.25
N PHE E 143 14.21 1.13 35.24
CA PHE E 143 15.63 1.46 35.12
C PHE E 143 16.31 0.76 33.93
N GLU E 144 15.91 -0.47 33.62
CA GLU E 144 16.52 -1.20 32.51
C GLU E 144 16.02 -0.75 31.14
N ASP E 145 14.70 -0.54 31.05
CA ASP E 145 14.09 -0.12 29.80
C ASP E 145 14.40 1.32 29.44
N PHE E 146 14.49 2.17 30.45
CA PHE E 146 14.80 3.58 30.22
C PHE E 146 16.25 3.77 29.76
N GLU E 147 17.03 2.69 29.73
CA GLU E 147 18.42 2.73 29.29
C GLU E 147 18.51 2.56 27.78
N LYS E 148 17.84 1.52 27.29
CA LYS E 148 17.82 1.18 25.87
C LYS E 148 17.48 2.37 24.99
N ARG E 149 18.12 2.44 23.82
CA ARG E 149 17.87 3.52 22.87
C ARG E 149 16.74 3.15 21.92
N ILE E 150 15.99 4.16 21.48
CA ILE E 150 14.87 3.95 20.56
C ILE E 150 15.32 4.01 19.12
N PRO E 151 15.12 2.93 18.36
CA PRO E 151 15.55 2.98 16.96
C PRO E 151 14.71 4.03 16.20
N ARG E 152 15.23 4.49 15.06
CA ARG E 152 14.57 5.51 14.25
C ARG E 152 13.20 5.11 13.75
N GLU E 153 12.96 3.80 13.63
CA GLU E 153 11.68 3.30 13.15
C GLU E 153 10.62 3.25 14.25
N GLU E 154 11.02 2.86 15.46
CA GLU E 154 10.05 2.81 16.56
C GLU E 154 9.53 4.21 16.87
N MET E 155 10.38 5.21 16.62
CA MET E 155 10.01 6.59 16.83
C MET E 155 8.93 7.02 15.82
N LEU E 156 8.99 6.42 14.63
CA LEU E 156 8.03 6.72 13.57
C LEU E 156 6.68 6.14 13.94
N GLN E 157 6.69 4.89 14.40
CA GLN E 157 5.48 4.18 14.81
C GLN E 157 4.84 4.93 15.97
N MET E 158 5.69 5.47 16.84
CA MET E 158 5.24 6.26 17.99
C MET E 158 4.59 7.54 17.51
N GLN E 159 5.25 8.19 16.56
CA GLN E 159 4.76 9.44 15.98
C GLN E 159 3.45 9.19 15.28
N ASP E 160 3.33 8.01 14.67
CA ASP E 160 2.13 7.63 13.95
C ASP E 160 0.94 7.59 14.92
N ILE E 161 1.12 6.91 16.05
CA ILE E 161 0.05 6.82 17.04
C ILE E 161 -0.30 8.20 17.59
N VAL E 162 0.72 8.98 17.95
CA VAL E 162 0.50 10.31 18.51
C VAL E 162 -0.24 11.20 17.53
N LEU E 163 0.27 11.30 16.30
CA LEU E 163 -0.32 12.13 15.26
C LEU E 163 -1.76 11.75 14.92
N ASN E 164 -1.98 10.47 14.66
CA ASN E 164 -3.30 9.96 14.34
C ASN E 164 -4.32 10.29 15.42
N GLU E 165 -4.10 9.75 16.61
CA GLU E 165 -5.00 9.99 17.74
C GLU E 165 -5.20 11.48 18.05
N VAL E 166 -4.17 12.29 17.81
CA VAL E 166 -4.23 13.72 18.06
C VAL E 166 -5.32 14.44 17.25
N LYS E 167 -5.45 14.09 15.97
CA LYS E 167 -6.46 14.68 15.12
C LYS E 167 -7.83 14.07 15.43
N LYS E 168 -7.84 12.77 15.71
CA LYS E 168 -9.07 12.05 16.05
C LYS E 168 -9.85 12.79 17.13
N LEU E 169 -9.12 13.39 18.06
CA LEU E 169 -9.75 14.14 19.13
C LEU E 169 -10.14 15.51 18.59
N ASP E 170 -9.21 16.15 17.90
CA ASP E 170 -9.42 17.47 17.34
C ASP E 170 -8.44 17.67 16.19
N PRO E 171 -8.95 18.01 14.99
CA PRO E 171 -8.17 18.25 13.76
C PRO E 171 -7.27 19.48 13.78
N GLU E 172 -7.62 20.47 14.59
CA GLU E 172 -6.85 21.72 14.70
C GLU E 172 -5.53 21.60 15.49
N TYR E 173 -5.17 20.37 15.86
CA TYR E 173 -3.94 20.11 16.60
C TYR E 173 -2.76 19.88 15.68
N ILE E 174 -1.63 20.52 15.98
CA ILE E 174 -0.39 20.36 15.20
C ILE E 174 0.68 19.76 16.12
N ALA E 175 1.05 18.51 15.84
CA ALA E 175 2.05 17.81 16.62
C ALA E 175 3.35 17.70 15.86
N THR E 176 4.48 17.90 16.56
CA THR E 176 5.79 17.81 15.94
C THR E 176 6.81 17.17 16.89
N VAL E 177 7.13 15.93 16.60
CA VAL E 177 8.11 15.16 17.40
C VAL E 177 9.51 15.71 17.13
N CYS E 178 9.86 16.74 17.92
CA CYS E 178 11.15 17.43 17.82
C CYS E 178 12.23 16.62 18.56
N GLY E 179 13.06 17.31 19.34
CA GLY E 179 14.13 16.64 20.09
C GLY E 179 15.26 16.19 19.16
N SER E 180 15.69 14.94 19.36
CA SER E 180 16.80 14.32 18.59
C SER E 180 16.30 13.72 17.29
N PHE E 181 15.01 13.44 17.25
CA PHE E 181 14.38 12.83 16.09
C PHE E 181 14.37 13.81 14.92
N ARG E 182 13.85 15.00 15.16
CA ARG E 182 13.78 16.03 14.15
C ARG E 182 15.17 16.27 13.52
N ARG E 183 16.21 16.11 14.33
CA ARG E 183 17.59 16.30 13.89
C ARG E 183 18.09 15.21 12.94
N GLY E 184 17.35 14.11 12.85
CA GLY E 184 17.72 13.02 11.97
C GLY E 184 18.53 11.89 12.59
N ALA E 185 18.39 11.66 13.89
CA ALA E 185 19.13 10.61 14.59
C ALA E 185 18.65 9.19 14.28
N GLU E 186 19.57 8.23 14.28
CA GLU E 186 19.26 6.82 14.02
C GLU E 186 18.64 6.14 15.23
N SER E 187 18.75 6.81 16.38
CA SER E 187 18.22 6.31 17.63
C SER E 187 17.86 7.51 18.51
N SER E 188 16.98 7.32 19.47
CA SER E 188 16.56 8.42 20.33
C SER E 188 16.46 8.04 21.80
N GLY E 189 16.69 9.02 22.67
CA GLY E 189 16.59 8.80 24.10
C GLY E 189 15.15 8.90 24.53
N ASP E 190 14.53 10.03 24.28
CA ASP E 190 13.14 10.24 24.64
C ASP E 190 12.40 10.93 23.51
N MET E 191 11.15 10.53 23.33
CA MET E 191 10.30 11.09 22.30
C MET E 191 9.74 12.44 22.75
N ASP E 192 10.23 13.50 22.13
CA ASP E 192 9.79 14.84 22.44
C ASP E 192 8.79 15.30 21.38
N VAL E 193 7.58 15.65 21.82
CA VAL E 193 6.55 16.08 20.90
C VAL E 193 5.98 17.46 21.23
N LEU E 194 6.07 18.37 20.27
CA LEU E 194 5.55 19.71 20.43
C LEU E 194 4.09 19.70 20.00
N LEU E 195 3.27 20.51 20.66
CA LEU E 195 1.85 20.53 20.34
C LEU E 195 1.34 21.95 20.37
N THR E 196 0.43 22.25 19.45
CA THR E 196 -0.16 23.58 19.38
C THR E 196 -1.63 23.53 18.95
N HIS E 197 -2.40 24.54 19.39
CA HIS E 197 -3.82 24.62 19.08
C HIS E 197 -4.27 26.08 19.05
N PRO E 198 -5.17 26.43 18.11
CA PRO E 198 -5.73 27.76 17.91
C PRO E 198 -6.33 28.43 19.15
N ASN E 199 -6.73 27.61 20.14
CA ASN E 199 -7.30 28.14 21.37
C ASN E 199 -6.23 28.64 22.33
N PHE E 200 -4.99 28.20 22.09
CA PHE E 200 -3.86 28.63 22.91
C PHE E 200 -3.10 29.71 22.16
N THR E 201 -3.01 30.91 22.74
CA THR E 201 -2.33 32.03 22.11
C THR E 201 -1.81 32.97 23.21
N SER E 202 -0.99 33.96 22.84
CA SER E 202 -0.48 34.94 23.80
C SER E 202 -1.67 35.63 24.45
N GLU E 203 -2.64 35.99 23.60
CA GLU E 203 -3.87 36.68 24.00
C GLU E 203 -4.86 35.84 24.80
N SER E 204 -4.63 34.53 24.86
CA SER E 204 -5.50 33.63 25.60
C SER E 204 -5.21 33.80 27.10
N SER E 205 -5.89 33.01 27.92
CA SER E 205 -5.72 33.09 29.38
C SER E 205 -5.23 31.76 29.98
N LYS E 206 -4.57 30.98 29.14
CA LYS E 206 -3.98 29.67 29.51
C LYS E 206 -5.02 28.53 29.71
N GLN E 207 -5.14 27.71 28.66
CA GLN E 207 -6.00 26.50 28.61
C GLN E 207 -5.32 25.17 29.04
N PRO E 208 -5.52 24.74 30.31
CA PRO E 208 -4.94 23.52 30.86
C PRO E 208 -5.54 22.25 30.26
N LYS E 209 -6.72 22.36 29.66
CA LYS E 209 -7.41 21.23 29.06
C LYS E 209 -6.89 20.79 27.69
N LEU E 210 -6.25 21.70 26.96
CA LEU E 210 -5.72 21.37 25.64
C LEU E 210 -4.67 20.25 25.62
N LEU E 211 -3.93 20.13 26.71
CA LEU E 211 -2.91 19.10 26.80
C LEU E 211 -3.48 17.86 27.49
N HIS E 212 -4.28 18.09 28.53
CA HIS E 212 -4.92 17.01 29.28
C HIS E 212 -5.75 16.12 28.36
N ARG E 213 -6.48 16.75 27.43
CA ARG E 213 -7.32 16.05 26.47
C ARG E 213 -6.51 15.03 25.67
N VAL E 214 -5.30 15.43 25.27
CA VAL E 214 -4.41 14.59 24.47
C VAL E 214 -3.85 13.44 25.28
N VAL E 215 -3.43 13.73 26.50
CA VAL E 215 -2.87 12.72 27.38
C VAL E 215 -3.90 11.65 27.70
N GLU E 216 -5.09 12.06 28.13
CA GLU E 216 -6.13 11.10 28.47
C GLU E 216 -6.51 10.22 27.29
N GLN E 217 -6.37 10.77 26.08
CA GLN E 217 -6.69 10.05 24.86
C GLN E 217 -5.59 9.03 24.56
N LEU E 218 -4.34 9.42 24.79
CA LEU E 218 -3.21 8.53 24.57
C LEU E 218 -3.20 7.45 25.64
N GLN E 219 -3.62 7.83 26.85
CA GLN E 219 -3.68 6.90 27.97
C GLN E 219 -4.82 5.90 27.70
N LYS E 220 -5.93 6.41 27.19
CA LYS E 220 -7.10 5.57 26.88
C LYS E 220 -6.72 4.46 25.91
N VAL E 221 -5.92 4.80 24.91
CA VAL E 221 -5.43 3.85 23.91
C VAL E 221 -4.31 3.01 24.51
N ARG E 222 -3.96 3.32 25.77
CA ARG E 222 -2.89 2.68 26.53
C ARG E 222 -1.51 2.75 25.86
N PHE E 223 -1.16 3.96 25.45
CA PHE E 223 0.15 4.27 24.86
C PHE E 223 0.90 4.88 26.04
N ILE E 224 0.40 6.02 26.54
CA ILE E 224 1.00 6.67 27.71
C ILE E 224 0.56 5.86 28.93
N THR E 225 1.49 5.09 29.49
CA THR E 225 1.21 4.22 30.64
C THR E 225 1.27 4.92 31.99
N ASP E 226 2.37 5.63 32.23
CA ASP E 226 2.55 6.32 33.52
C ASP E 226 2.65 7.83 33.34
N THR E 227 2.78 8.56 34.46
CA THR E 227 2.83 10.01 34.43
C THR E 227 3.83 10.58 35.44
N LEU E 228 4.97 11.02 34.93
CA LEU E 228 6.01 11.59 35.77
C LEU E 228 5.58 13.00 36.17
N SER E 229 5.63 13.93 35.21
CA SER E 229 5.21 15.32 35.42
C SER E 229 3.90 15.51 34.65
N LYS E 230 3.08 16.46 35.07
CA LYS E 230 1.80 16.73 34.42
C LYS E 230 1.28 18.12 34.76
N GLY E 231 1.32 19.02 33.79
CA GLY E 231 0.84 20.37 34.01
C GLY E 231 0.17 20.96 32.78
N GLU E 232 -0.06 22.27 32.81
CA GLU E 232 -0.70 22.95 31.68
C GLU E 232 0.07 22.82 30.36
N THR E 233 1.31 23.32 30.32
CA THR E 233 2.13 23.26 29.11
C THR E 233 2.92 21.97 28.92
N LYS E 234 3.57 21.50 29.98
CA LYS E 234 4.38 20.30 29.88
C LYS E 234 3.80 19.01 30.45
N PHE E 235 4.17 17.90 29.84
CA PHE E 235 3.78 16.58 30.29
C PHE E 235 4.96 15.64 30.06
N MET E 236 5.46 15.10 31.16
CA MET E 236 6.55 14.15 31.14
C MET E 236 5.92 12.84 31.61
N GLY E 237 6.10 11.78 30.84
CA GLY E 237 5.53 10.52 31.23
C GLY E 237 6.19 9.32 30.60
N VAL E 238 5.44 8.24 30.52
CA VAL E 238 5.95 7.02 29.95
C VAL E 238 4.93 6.52 28.95
N CYS E 239 5.42 6.13 27.77
CA CYS E 239 4.58 5.63 26.70
C CYS E 239 5.06 4.25 26.33
N GLN E 240 4.32 3.57 25.45
CA GLN E 240 4.68 2.22 25.03
C GLN E 240 3.91 1.74 23.81
N LEU E 241 4.64 1.18 22.85
CA LEU E 241 4.03 0.66 21.64
C LEU E 241 3.34 -0.67 21.92
N PRO E 242 2.19 -0.91 21.26
CA PRO E 242 1.39 -2.14 21.42
C PRO E 242 2.14 -3.43 21.12
N SER E 243 1.90 -4.44 21.96
CA SER E 243 2.53 -5.74 21.81
C SER E 243 1.73 -6.63 20.86
N GLU E 244 2.20 -6.74 19.62
CA GLU E 244 1.53 -7.59 18.63
C GLU E 244 1.49 -9.02 19.19
N ASN E 245 0.28 -9.55 19.25
CA ASN E 245 0.02 -10.90 19.79
C ASN E 245 1.11 -11.91 19.45
N ASP E 246 1.64 -12.51 20.52
CA ASP E 246 2.66 -13.58 20.46
C ASP E 246 4.08 -13.04 20.21
N GLU E 247 4.28 -11.77 20.49
CA GLU E 247 5.59 -11.12 20.50
C GLU E 247 5.95 -10.37 21.79
N ASN E 248 7.26 -10.33 22.09
CA ASN E 248 7.79 -9.64 23.27
C ASN E 248 7.40 -8.16 23.20
N GLU E 249 6.76 -7.65 24.25
CA GLU E 249 6.33 -6.25 24.25
C GLU E 249 7.53 -5.29 24.24
N TYR E 250 7.41 -4.25 23.43
CA TYR E 250 8.46 -3.24 23.30
C TYR E 250 8.69 -2.52 24.63
N PRO E 251 9.94 -2.09 24.87
CA PRO E 251 10.32 -1.39 26.10
C PRO E 251 9.52 -0.11 26.30
N HIS E 252 9.32 0.24 27.56
CA HIS E 252 8.57 1.43 27.93
C HIS E 252 9.53 2.62 27.78
N ARG E 253 9.18 3.58 26.92
CA ARG E 253 10.01 4.75 26.65
C ARG E 253 9.57 5.99 27.46
N ARG E 254 10.36 7.06 27.34
CA ARG E 254 10.06 8.32 28.00
C ARG E 254 9.43 9.23 26.96
N ILE E 255 8.45 10.03 27.36
CA ILE E 255 7.80 10.92 26.42
C ILE E 255 7.49 12.27 27.05
N ASP E 256 7.92 13.33 26.37
CA ASP E 256 7.66 14.68 26.85
C ASP E 256 6.72 15.27 25.82
N ILE E 257 5.81 16.12 26.29
CA ILE E 257 4.86 16.77 25.41
C ILE E 257 4.78 18.19 25.90
N ARG E 258 4.97 19.13 24.99
CA ARG E 258 4.95 20.52 25.36
C ARG E 258 3.86 21.22 24.57
N LEU E 259 3.20 22.18 25.20
CA LEU E 259 2.13 22.91 24.53
C LEU E 259 2.60 24.34 24.35
N ILE E 260 2.96 24.67 23.13
CA ILE E 260 3.43 26.00 22.79
C ILE E 260 2.32 26.79 22.14
N PRO E 261 2.16 28.07 22.52
CA PRO E 261 1.12 28.93 21.95
C PRO E 261 1.16 28.91 20.44
N LYS E 262 0.01 29.08 19.81
CA LYS E 262 -0.07 29.07 18.36
C LYS E 262 0.79 30.16 17.73
N ASP E 263 0.75 31.36 18.28
CA ASP E 263 1.51 32.48 17.73
C ASP E 263 2.97 32.56 18.18
N GLN E 264 3.47 31.48 18.76
CA GLN E 264 4.86 31.45 19.23
C GLN E 264 5.53 30.13 18.85
N TYR E 265 4.89 29.40 17.93
CA TYR E 265 5.37 28.10 17.48
C TYR E 265 6.85 27.97 17.15
N TYR E 266 7.38 28.90 16.38
CA TYR E 266 8.78 28.85 15.99
C TYR E 266 9.77 28.86 17.15
N CYS E 267 9.47 29.64 18.18
CA CYS E 267 10.31 29.69 19.37
C CYS E 267 10.25 28.28 19.96
N GLY E 268 9.07 27.67 19.85
CA GLY E 268 8.87 26.33 20.34
C GLY E 268 9.76 25.31 19.67
N VAL E 269 9.60 25.09 18.37
CA VAL E 269 10.44 24.13 17.63
C VAL E 269 11.94 24.42 17.68
N LEU E 270 12.31 25.69 17.76
CA LEU E 270 13.73 26.04 17.83
C LEU E 270 14.30 25.37 19.08
N TYR E 271 13.69 25.74 20.21
CA TYR E 271 14.08 25.27 21.54
C TYR E 271 13.99 23.73 21.67
N PHE E 272 12.87 23.18 21.27
CA PHE E 272 12.62 21.73 21.42
C PHE E 272 13.46 20.87 20.50
N THR E 273 14.00 21.47 19.44
CA THR E 273 14.81 20.70 18.50
C THR E 273 16.30 20.80 18.76
N GLY E 274 16.92 21.88 18.24
CA GLY E 274 18.34 22.16 18.37
C GLY E 274 19.17 21.13 19.10
N SER E 275 19.61 21.49 20.30
CA SER E 275 20.40 20.61 21.14
C SER E 275 20.59 21.38 22.44
N ASP E 276 20.70 20.66 23.55
CA ASP E 276 20.90 21.31 24.82
C ASP E 276 22.11 22.24 24.75
N ILE E 277 23.21 21.70 24.26
CA ILE E 277 24.45 22.45 24.10
C ILE E 277 24.24 23.54 23.05
N PHE E 278 23.65 23.15 21.91
CA PHE E 278 23.38 24.09 20.82
C PHE E 278 22.57 25.29 21.30
N ASN E 279 21.56 25.03 22.14
CA ASN E 279 20.70 26.07 22.68
C ASN E 279 21.51 26.95 23.61
N LYS E 280 22.43 26.34 24.34
CA LYS E 280 23.30 27.04 25.27
C LYS E 280 24.07 28.09 24.52
N ASN E 281 24.75 27.64 23.46
CA ASN E 281 25.56 28.49 22.61
C ASN E 281 24.73 29.56 21.89
N MET E 282 23.65 29.13 21.23
CA MET E 282 22.80 30.06 20.49
C MET E 282 22.17 31.10 21.40
N ARG E 283 21.59 30.67 22.51
CA ARG E 283 20.96 31.59 23.44
C ARG E 283 21.96 32.56 24.06
N ALA E 284 23.21 32.13 24.20
CA ALA E 284 24.28 32.97 24.74
C ALA E 284 24.60 34.04 23.70
N HIS E 285 24.68 33.63 22.44
CA HIS E 285 24.95 34.52 21.31
C HIS E 285 23.83 35.56 21.19
N ALA E 286 22.66 35.23 21.72
CA ALA E 286 21.51 36.13 21.69
C ALA E 286 21.80 37.39 22.50
N LEU E 287 22.25 37.21 23.74
CA LEU E 287 22.58 38.33 24.61
C LEU E 287 23.77 39.08 24.03
N GLU E 288 24.58 38.36 23.25
CA GLU E 288 25.74 38.95 22.60
C GLU E 288 25.25 40.03 21.64
N LYS E 289 24.13 39.76 20.97
CA LYS E 289 23.53 40.69 20.02
C LYS E 289 22.47 41.62 20.64
N GLY E 290 22.25 41.50 21.95
CA GLY E 290 21.25 42.32 22.61
C GLY E 290 19.86 41.75 22.43
N PHE E 291 19.78 40.43 22.52
CA PHE E 291 18.53 39.68 22.37
C PHE E 291 18.41 38.65 23.49
N THR E 292 17.20 38.11 23.65
CA THR E 292 16.93 37.11 24.68
C THR E 292 16.05 36.03 24.07
N ILE E 293 16.65 34.89 23.74
CA ILE E 293 15.88 33.80 23.14
C ILE E 293 15.25 32.91 24.19
N ASN E 294 13.93 32.82 24.14
CA ASN E 294 13.12 32.02 25.04
C ASN E 294 12.35 31.06 24.13
N GLU E 295 11.76 30.01 24.70
CA GLU E 295 11.01 29.06 23.88
C GLU E 295 9.61 29.55 23.51
N TYR E 296 9.32 30.80 23.85
CA TYR E 296 8.02 31.40 23.55
C TYR E 296 8.22 32.68 22.73
N THR E 297 9.26 33.44 23.07
CA THR E 297 9.54 34.69 22.40
C THR E 297 11.04 35.02 22.33
N ILE E 298 11.39 35.86 21.36
CA ILE E 298 12.75 36.34 21.18
C ILE E 298 12.66 37.87 21.24
N ARG E 299 12.77 38.40 22.46
CA ARG E 299 12.70 39.84 22.69
C ARG E 299 14.10 40.39 22.99
N PRO E 300 14.48 41.49 22.31
CA PRO E 300 15.77 42.15 22.46
C PRO E 300 16.02 42.80 23.82
N LEU E 301 17.26 42.63 24.31
CA LEU E 301 17.67 43.22 25.57
C LEU E 301 17.81 44.73 25.37
N GLY E 302 17.31 45.48 26.35
CA GLY E 302 17.34 46.93 26.29
C GLY E 302 18.71 47.57 26.20
N VAL E 303 18.71 48.90 26.15
CA VAL E 303 19.94 49.70 26.07
C VAL E 303 20.63 49.80 27.43
N THR E 304 20.32 48.85 28.33
CA THR E 304 20.90 48.78 29.67
C THR E 304 20.67 47.42 30.34
N GLY E 305 19.79 46.59 29.77
CA GLY E 305 19.52 45.29 30.34
C GLY E 305 18.13 44.73 30.08
N VAL E 306 17.13 45.28 30.77
CA VAL E 306 15.73 44.84 30.67
C VAL E 306 15.24 44.59 29.24
N ALA E 307 14.59 43.45 29.04
CA ALA E 307 14.04 43.08 27.74
C ALA E 307 12.62 43.60 27.61
N GLY E 308 12.27 44.09 26.43
CA GLY E 308 10.93 44.62 26.21
C GLY E 308 9.96 43.62 25.60
N GLU E 309 9.23 44.06 24.59
CA GLU E 309 8.26 43.23 23.89
C GLU E 309 8.96 42.35 22.87
N PRO E 310 8.42 41.14 22.61
CA PRO E 310 9.02 40.20 21.66
C PRO E 310 8.91 40.63 20.20
N LEU E 311 9.89 40.21 19.41
CA LEU E 311 9.94 40.50 17.98
C LEU E 311 9.20 39.40 17.22
N PRO E 312 8.21 39.79 16.39
CA PRO E 312 7.43 38.82 15.61
C PRO E 312 8.33 37.87 14.82
N VAL E 313 7.92 36.61 14.74
CA VAL E 313 8.69 35.60 14.02
C VAL E 313 7.81 34.69 13.17
N ASP E 314 8.18 34.54 11.90
CA ASP E 314 7.42 33.70 10.99
C ASP E 314 8.21 32.48 10.50
N SER E 315 9.28 32.17 11.21
CA SER E 315 10.13 31.01 10.89
C SER E 315 11.34 30.93 11.82
N GLU E 316 11.93 29.74 11.93
CA GLU E 316 13.13 29.55 12.75
C GLU E 316 14.16 30.47 12.11
N GLN E 317 14.14 30.48 10.78
CA GLN E 317 15.03 31.30 9.97
C GLN E 317 15.06 32.73 10.50
N ASP E 318 13.87 33.31 10.69
CA ASP E 318 13.77 34.68 11.20
C ASP E 318 14.55 34.88 12.51
N ILE E 319 14.53 33.87 13.38
CA ILE E 319 15.23 33.94 14.66
C ILE E 319 16.75 34.01 14.44
N PHE E 320 17.28 33.10 13.62
CA PHE E 320 18.69 33.06 13.30
C PHE E 320 19.15 34.39 12.69
N ASP E 321 18.26 35.03 11.93
CA ASP E 321 18.56 36.31 11.29
C ASP E 321 18.65 37.47 12.28
N TYR E 322 17.81 37.44 13.31
CA TYR E 322 17.79 38.50 14.34
C TYR E 322 19.12 38.64 15.06
N ILE E 323 19.83 37.53 15.23
CA ILE E 323 21.11 37.53 15.91
C ILE E 323 22.29 37.51 14.94
N GLN E 324 22.04 37.95 13.71
CA GLN E 324 23.06 37.98 12.67
C GLN E 324 23.90 36.71 12.67
N TRP E 325 23.20 35.58 12.65
CA TRP E 325 23.83 34.27 12.66
C TRP E 325 23.37 33.45 11.47
N ARG E 326 24.24 32.55 10.98
CA ARG E 326 23.92 31.70 9.83
C ARG E 326 23.01 30.53 10.16
N TYR E 327 21.85 30.48 9.51
CA TYR E 327 20.86 29.43 9.73
C TYR E 327 21.44 28.02 9.77
N ARG E 328 21.00 27.25 10.75
CA ARG E 328 21.45 25.87 10.94
C ARG E 328 20.28 24.92 10.76
N GLU E 329 20.30 24.17 9.67
CA GLU E 329 19.25 23.21 9.35
C GLU E 329 19.30 22.10 10.41
N PRO E 330 18.12 21.73 10.97
CA PRO E 330 18.04 20.68 12.00
C PRO E 330 18.67 19.38 11.52
N LYS E 331 19.91 19.18 11.98
CA LYS E 331 20.75 18.03 11.67
C LYS E 331 22.17 18.47 12.02
N ASP E 332 22.38 19.79 11.96
CA ASP E 332 23.66 20.41 12.26
C ASP E 332 23.56 21.19 13.58
N ARG E 333 22.73 20.70 14.49
CA ARG E 333 22.56 21.36 15.79
C ARG E 333 22.97 20.39 16.88
N SER E 334 24.27 20.32 17.13
CA SER E 334 24.81 19.44 18.14
C SER E 334 25.96 20.11 18.89
N THR F 10 5.26 -21.90 -33.69
CA THR F 10 5.21 -20.47 -33.27
C THR F 10 6.62 -19.92 -33.05
N LEU F 11 6.80 -18.63 -33.30
CA LEU F 11 8.09 -17.97 -33.17
C LEU F 11 8.28 -17.28 -31.83
N ASN F 12 7.23 -16.66 -31.32
CA ASN F 12 7.28 -15.99 -30.04
C ASN F 12 6.23 -16.52 -29.08
N GLY F 13 6.00 -17.84 -29.13
CA GLY F 13 5.01 -18.47 -28.25
C GLY F 13 5.11 -18.05 -26.79
N GLY F 14 6.22 -18.37 -26.15
CA GLY F 14 6.40 -18.02 -24.76
C GLY F 14 6.10 -16.58 -24.39
N ILE F 15 6.17 -15.65 -25.34
CA ILE F 15 5.89 -14.26 -25.02
C ILE F 15 4.43 -13.94 -25.05
N THR F 16 3.71 -14.55 -25.98
CA THR F 16 2.28 -14.32 -26.13
C THR F 16 1.54 -15.03 -25.00
N ASP F 17 1.90 -16.29 -24.78
CA ASP F 17 1.29 -17.06 -23.71
C ASP F 17 1.40 -16.26 -22.43
N MET F 18 2.57 -15.68 -22.18
CA MET F 18 2.75 -14.88 -20.97
C MET F 18 1.77 -13.71 -20.95
N LEU F 19 1.53 -13.13 -22.13
CA LEU F 19 0.66 -11.97 -22.30
C LEU F 19 -0.82 -12.27 -22.26
N VAL F 20 -1.22 -13.44 -22.75
CA VAL F 20 -2.61 -13.86 -22.74
C VAL F 20 -2.94 -14.17 -21.27
N GLU F 21 -2.06 -14.96 -20.66
CA GLU F 21 -2.18 -15.34 -19.26
C GLU F 21 -2.18 -14.14 -18.32
N LEU F 22 -1.62 -13.02 -18.76
CA LEU F 22 -1.59 -11.84 -17.92
C LEU F 22 -2.84 -11.00 -18.17
N ALA F 23 -3.47 -11.24 -19.31
CA ALA F 23 -4.66 -10.50 -19.70
C ALA F 23 -5.80 -11.10 -18.89
N ASN F 24 -5.93 -12.41 -18.97
CA ASN F 24 -6.95 -13.15 -18.23
C ASN F 24 -6.90 -12.75 -16.74
N PHE F 25 -5.73 -12.37 -16.26
CA PHE F 25 -5.56 -11.97 -14.87
C PHE F 25 -6.24 -10.66 -14.57
N GLU F 26 -6.10 -9.67 -15.45
CA GLU F 26 -6.72 -8.36 -15.23
C GLU F 26 -8.21 -8.41 -15.45
N LYS F 27 -8.65 -9.42 -16.21
CA LYS F 27 -10.05 -9.59 -16.50
C LYS F 27 -10.77 -10.13 -15.23
N ASN F 28 -10.46 -11.38 -14.91
CA ASN F 28 -11.01 -12.10 -13.77
C ASN F 28 -10.67 -11.58 -12.37
N VAL F 29 -9.40 -11.31 -12.12
CA VAL F 29 -9.00 -10.88 -10.79
C VAL F 29 -8.99 -9.40 -10.51
N SER F 30 -8.16 -8.63 -11.22
CA SER F 30 -8.09 -7.18 -10.99
C SER F 30 -9.20 -6.37 -11.65
N GLN F 31 -10.00 -7.01 -12.47
CA GLN F 31 -11.13 -6.40 -13.16
C GLN F 31 -10.86 -5.11 -13.98
N ALA F 32 -9.58 -4.82 -14.26
CA ALA F 32 -9.18 -3.65 -15.06
C ALA F 32 -9.31 -4.08 -16.53
N ILE F 33 -10.35 -3.58 -17.18
CA ILE F 33 -10.64 -3.92 -18.57
C ILE F 33 -9.61 -3.45 -19.58
N HIS F 34 -9.06 -2.27 -19.34
CA HIS F 34 -8.07 -1.67 -20.21
C HIS F 34 -6.77 -2.45 -20.31
N LYS F 35 -6.15 -2.76 -19.16
CA LYS F 35 -4.91 -3.54 -19.14
C LYS F 35 -5.11 -4.88 -19.83
N TYR F 36 -6.33 -5.36 -19.76
CA TYR F 36 -6.68 -6.65 -20.37
C TYR F 36 -6.67 -6.51 -21.90
N ASN F 37 -7.07 -5.34 -22.38
CA ASN F 37 -7.11 -5.10 -23.83
C ASN F 37 -5.71 -4.80 -24.34
N ALA F 38 -4.97 -4.01 -23.56
CA ALA F 38 -3.60 -3.65 -23.89
C ALA F 38 -2.79 -4.90 -24.11
N TYR F 39 -3.00 -5.91 -23.28
CA TYR F 39 -2.28 -7.19 -23.40
C TYR F 39 -2.81 -8.00 -24.56
N ARG F 40 -4.11 -7.92 -24.77
CA ARG F 40 -4.76 -8.66 -25.84
C ARG F 40 -4.28 -8.21 -27.23
N LYS F 41 -4.21 -6.90 -27.42
CA LYS F 41 -3.79 -6.31 -28.68
C LYS F 41 -2.32 -6.62 -28.94
N ALA F 42 -1.48 -6.33 -27.94
CA ALA F 42 -0.05 -6.58 -28.05
C ALA F 42 0.20 -8.04 -28.44
N ALA F 43 -0.41 -8.94 -27.70
CA ALA F 43 -0.24 -10.36 -27.98
C ALA F 43 -0.53 -10.74 -29.42
N SER F 44 -1.52 -10.10 -30.06
CA SER F 44 -1.81 -10.45 -31.45
C SER F 44 -0.80 -9.73 -32.35
N VAL F 45 -0.49 -8.48 -32.00
CA VAL F 45 0.48 -7.67 -32.72
C VAL F 45 1.84 -8.39 -32.77
N ILE F 46 2.16 -9.13 -31.70
CA ILE F 46 3.42 -9.86 -31.59
C ILE F 46 3.36 -11.23 -32.25
N ALA F 47 2.16 -11.81 -32.27
CA ALA F 47 1.95 -13.11 -32.87
C ALA F 47 2.16 -12.99 -34.38
N LYS F 48 2.01 -11.77 -34.89
CA LYS F 48 2.19 -11.50 -36.32
C LYS F 48 3.68 -11.39 -36.65
N TYR F 49 4.40 -10.60 -35.85
CA TYR F 49 5.83 -10.36 -36.01
C TYR F 49 6.56 -11.53 -36.67
N PRO F 50 7.27 -11.27 -37.78
CA PRO F 50 8.02 -12.28 -38.53
C PRO F 50 9.37 -12.70 -37.96
N HIS F 51 9.87 -12.00 -36.95
CA HIS F 51 11.18 -12.31 -36.35
C HIS F 51 11.13 -12.66 -34.87
N LYS F 52 12.03 -13.57 -34.47
CA LYS F 52 12.14 -13.99 -33.08
C LYS F 52 12.69 -12.85 -32.25
N ILE F 53 11.84 -12.23 -31.44
CA ILE F 53 12.24 -11.12 -30.57
C ILE F 53 13.43 -11.50 -29.71
N LYS F 54 14.17 -10.50 -29.22
CA LYS F 54 15.34 -10.71 -28.36
C LYS F 54 15.47 -9.64 -27.28
N SER F 55 14.59 -8.64 -27.31
CA SER F 55 14.64 -7.59 -26.28
C SER F 55 13.34 -6.82 -26.11
N GLY F 56 13.20 -6.24 -24.93
CA GLY F 56 12.01 -5.48 -24.60
C GLY F 56 11.84 -4.28 -25.48
N ALA F 57 12.97 -3.68 -25.87
CA ALA F 57 12.97 -2.49 -26.72
C ALA F 57 12.65 -2.80 -28.18
N GLU F 58 12.98 -4.02 -28.61
CA GLU F 58 12.70 -4.40 -29.97
C GLU F 58 11.18 -4.42 -30.09
N ALA F 59 10.56 -5.07 -29.10
CA ALA F 59 9.12 -5.23 -29.03
C ALA F 59 8.39 -3.93 -28.91
N LYS F 60 8.91 -3.04 -28.07
CA LYS F 60 8.25 -1.76 -27.88
C LYS F 60 8.06 -1.03 -29.19
N LYS F 61 8.92 -1.28 -30.19
CA LYS F 61 8.82 -0.63 -31.48
C LYS F 61 7.50 -0.98 -32.18
N LEU F 62 6.91 -2.09 -31.75
CA LEU F 62 5.63 -2.54 -32.29
C LEU F 62 4.50 -1.71 -31.72
N PRO F 63 3.45 -1.48 -32.53
CA PRO F 63 2.31 -0.69 -32.07
C PRO F 63 1.56 -1.57 -31.10
N GLY F 64 1.03 -0.97 -30.04
CA GLY F 64 0.31 -1.78 -29.08
C GLY F 64 1.17 -2.16 -27.89
N VAL F 65 2.45 -2.50 -28.12
CA VAL F 65 3.31 -2.85 -27.02
C VAL F 65 4.11 -1.63 -26.60
N GLY F 66 3.98 -1.27 -25.33
CA GLY F 66 4.65 -0.10 -24.80
C GLY F 66 5.62 -0.49 -23.72
N THR F 67 5.88 0.43 -22.80
CA THR F 67 6.83 0.17 -21.74
C THR F 67 6.56 -1.03 -20.82
N LYS F 68 5.49 -1.01 -20.01
CA LYS F 68 5.21 -2.12 -19.08
C LYS F 68 5.14 -3.48 -19.75
N ILE F 69 4.73 -3.54 -21.01
CA ILE F 69 4.69 -4.83 -21.70
C ILE F 69 6.11 -5.21 -22.13
N ALA F 70 6.97 -4.20 -22.27
CA ALA F 70 8.38 -4.37 -22.66
C ALA F 70 9.21 -4.71 -21.45
N GLU F 71 8.94 -4.02 -20.35
CA GLU F 71 9.62 -4.25 -19.08
C GLU F 71 9.45 -5.72 -18.72
N LYS F 72 8.29 -6.28 -19.06
CA LYS F 72 8.03 -7.69 -18.77
C LYS F 72 8.72 -8.57 -19.78
N ILE F 73 8.69 -8.16 -21.04
CA ILE F 73 9.33 -8.91 -22.11
C ILE F 73 10.82 -9.09 -21.84
N ASP F 74 11.44 -8.07 -21.25
CA ASP F 74 12.85 -8.12 -20.91
C ASP F 74 13.07 -9.20 -19.86
N GLU F 75 12.32 -9.12 -18.75
CA GLU F 75 12.45 -10.10 -17.67
C GLU F 75 12.23 -11.54 -18.14
N PHE F 76 11.31 -11.76 -19.06
CA PHE F 76 11.05 -13.10 -19.57
C PHE F 76 12.17 -13.63 -20.46
N LEU F 77 12.84 -12.76 -21.18
CA LEU F 77 13.93 -13.19 -22.08
C LEU F 77 15.19 -13.45 -21.23
N ALA F 78 15.55 -12.46 -20.42
CA ALA F 78 16.70 -12.53 -19.53
C ALA F 78 16.53 -13.78 -18.67
N THR F 79 15.68 -13.71 -17.66
CA THR F 79 15.38 -14.88 -16.82
C THR F 79 14.32 -15.62 -17.62
N GLY F 80 14.15 -16.92 -17.42
CA GLY F 80 13.12 -17.61 -18.19
C GLY F 80 11.70 -17.55 -17.63
N LYS F 81 11.31 -16.44 -17.02
CA LYS F 81 9.98 -16.33 -16.42
C LYS F 81 9.61 -14.92 -16.03
N LEU F 82 8.57 -14.81 -15.18
CA LEU F 82 8.09 -13.51 -14.70
C LEU F 82 7.65 -13.67 -13.26
N ARG F 83 8.28 -12.90 -12.38
CA ARG F 83 7.94 -12.98 -10.98
C ARG F 83 6.49 -12.65 -10.72
N LYS F 84 6.00 -11.53 -11.22
CA LYS F 84 4.62 -11.11 -11.03
C LYS F 84 3.68 -12.27 -11.37
N LEU F 85 4.03 -13.03 -12.40
CA LEU F 85 3.21 -14.16 -12.83
C LEU F 85 3.36 -15.35 -11.88
N GLU F 86 4.49 -15.45 -11.20
CA GLU F 86 4.75 -16.52 -10.25
C GLU F 86 3.91 -16.24 -9.00
N LYS F 87 3.95 -15.01 -8.54
CA LYS F 87 3.20 -14.59 -7.38
C LYS F 87 1.70 -14.62 -7.65
N ILE F 88 1.32 -14.70 -8.92
CA ILE F 88 -0.09 -14.75 -9.29
C ILE F 88 -0.58 -16.19 -9.29
N ARG F 89 0.25 -17.12 -9.76
CA ARG F 89 -0.17 -18.53 -9.76
C ARG F 89 -0.07 -19.10 -8.33
N GLN F 90 0.60 -18.37 -7.44
CA GLN F 90 0.78 -18.82 -6.06
C GLN F 90 -0.34 -18.28 -5.18
N ASP F 91 -0.72 -17.02 -5.43
CA ASP F 91 -1.79 -16.36 -4.69
C ASP F 91 -3.09 -17.16 -4.87
N ASP F 92 -3.49 -17.85 -3.80
CA ASP F 92 -4.68 -18.69 -3.81
C ASP F 92 -5.99 -18.00 -4.18
N THR F 93 -6.24 -16.81 -3.65
CA THR F 93 -7.47 -16.11 -4.02
C THR F 93 -7.52 -15.93 -5.53
N SER F 94 -6.48 -15.29 -6.10
CA SER F 94 -6.39 -15.08 -7.53
C SER F 94 -6.73 -16.35 -8.33
N SER F 95 -6.10 -17.46 -8.01
CA SER F 95 -6.38 -18.68 -8.77
C SER F 95 -7.81 -19.21 -8.61
N SER F 96 -8.41 -18.98 -7.44
CA SER F 96 -9.79 -19.43 -7.21
C SER F 96 -10.79 -18.58 -7.98
N ILE F 97 -10.64 -17.26 -7.88
CA ILE F 97 -11.46 -16.28 -8.58
C ILE F 97 -11.43 -16.58 -10.08
N ASN F 98 -10.34 -17.20 -10.50
CA ASN F 98 -10.13 -17.54 -11.90
C ASN F 98 -10.80 -18.84 -12.25
N PHE F 99 -10.74 -19.78 -11.32
CA PHE F 99 -11.33 -21.10 -11.53
C PHE F 99 -12.85 -21.04 -11.56
N LEU F 100 -13.43 -20.24 -10.67
CA LEU F 100 -14.88 -20.11 -10.61
C LEU F 100 -15.39 -19.62 -11.96
N THR F 101 -14.64 -18.68 -12.55
CA THR F 101 -14.94 -18.11 -13.86
C THR F 101 -15.15 -19.24 -14.86
N ARG F 102 -14.52 -20.39 -14.62
CA ARG F 102 -14.64 -21.54 -15.52
C ARG F 102 -16.06 -22.06 -15.61
N VAL F 103 -16.86 -21.75 -14.57
CA VAL F 103 -18.25 -22.16 -14.50
C VAL F 103 -19.11 -21.15 -15.23
N THR F 104 -19.83 -21.63 -16.24
CA THR F 104 -20.70 -20.75 -16.99
C THR F 104 -21.71 -20.10 -16.06
N GLY F 105 -21.78 -18.78 -16.14
CA GLY F 105 -22.69 -18.04 -15.30
C GLY F 105 -21.87 -17.15 -14.40
N ILE F 106 -20.72 -17.65 -13.97
CA ILE F 106 -19.83 -16.89 -13.09
C ILE F 106 -18.71 -16.17 -13.90
N GLY F 107 -18.40 -14.94 -13.49
CA GLY F 107 -17.38 -14.17 -14.15
C GLY F 107 -16.68 -13.30 -13.12
N PRO F 108 -15.81 -12.41 -13.56
CA PRO F 108 -15.09 -11.52 -12.65
C PRO F 108 -15.79 -11.21 -11.32
N SER F 109 -17.04 -10.71 -11.38
CA SER F 109 -17.78 -10.33 -10.16
C SER F 109 -18.35 -11.46 -9.30
N ALA F 110 -18.99 -12.43 -9.92
CA ALA F 110 -19.58 -13.52 -9.18
C ALA F 110 -18.44 -14.19 -8.46
N ALA F 111 -17.44 -14.63 -9.24
CA ALA F 111 -16.23 -15.29 -8.74
C ALA F 111 -15.60 -14.59 -7.54
N ARG F 112 -15.39 -13.30 -7.65
CA ARG F 112 -14.80 -12.55 -6.56
C ARG F 112 -15.61 -12.60 -5.30
N LYS F 113 -16.94 -12.47 -5.42
CA LYS F 113 -17.83 -12.52 -4.27
C LYS F 113 -17.86 -13.91 -3.63
N LEU F 114 -17.88 -14.94 -4.47
CA LEU F 114 -17.86 -16.30 -3.98
C LEU F 114 -16.58 -16.52 -3.17
N VAL F 115 -15.42 -16.25 -3.79
CA VAL F 115 -14.12 -16.38 -3.11
C VAL F 115 -14.10 -15.51 -1.86
N ASP F 116 -14.68 -14.31 -1.93
CA ASP F 116 -14.72 -13.45 -0.75
C ASP F 116 -15.55 -14.03 0.39
N GLU F 117 -16.43 -14.99 0.07
CA GLU F 117 -17.26 -15.63 1.09
C GLU F 117 -16.77 -17.05 1.33
N GLY F 118 -15.47 -17.27 1.15
CA GLY F 118 -14.86 -18.56 1.37
C GLY F 118 -15.20 -19.67 0.38
N ILE F 119 -15.93 -19.34 -0.69
CA ILE F 119 -16.32 -20.32 -1.70
C ILE F 119 -15.27 -20.35 -2.82
N LYS F 120 -14.48 -21.43 -2.86
CA LYS F 120 -13.34 -21.50 -3.82
C LYS F 120 -13.26 -22.75 -4.74
N THR F 121 -13.87 -23.87 -4.36
CA THR F 121 -13.78 -25.09 -5.22
C THR F 121 -15.15 -25.53 -5.72
N LEU F 122 -15.20 -26.70 -6.36
CA LEU F 122 -16.46 -27.23 -6.86
C LEU F 122 -17.33 -27.70 -5.70
N GLU F 123 -16.75 -28.44 -4.76
CA GLU F 123 -17.52 -28.92 -3.61
C GLU F 123 -18.10 -27.79 -2.78
N ASP F 124 -17.41 -26.64 -2.75
CA ASP F 124 -17.89 -25.50 -2.00
C ASP F 124 -19.14 -24.98 -2.69
N LEU F 125 -19.11 -25.03 -4.01
CA LEU F 125 -20.22 -24.59 -4.85
C LEU F 125 -21.38 -25.57 -4.68
N ARG F 126 -21.06 -26.86 -4.68
CA ARG F 126 -22.05 -27.93 -4.54
C ARG F 126 -22.61 -28.05 -3.14
N LYS F 127 -22.22 -27.13 -2.26
CA LYS F 127 -22.69 -27.11 -0.89
C LYS F 127 -23.29 -25.76 -0.56
N ASN F 128 -23.28 -24.87 -1.56
CA ASN F 128 -23.84 -23.52 -1.40
C ASN F 128 -24.56 -23.04 -2.67
N GLU F 129 -25.25 -23.94 -3.35
CA GLU F 129 -26.00 -23.57 -4.55
C GLU F 129 -26.98 -22.42 -4.23
N ASP F 130 -27.26 -22.23 -2.94
CA ASP F 130 -28.16 -21.16 -2.53
C ASP F 130 -27.64 -19.78 -2.92
N LYS F 131 -26.35 -19.68 -3.19
CA LYS F 131 -25.77 -18.39 -3.56
C LYS F 131 -25.62 -18.24 -5.07
N LEU F 132 -25.88 -19.32 -5.80
CA LEU F 132 -25.79 -19.35 -7.25
C LEU F 132 -27.15 -19.19 -7.92
N ASN F 133 -27.21 -18.48 -9.06
CA ASN F 133 -28.50 -18.35 -9.73
C ASN F 133 -28.71 -19.57 -10.63
N HIS F 134 -29.93 -19.79 -11.09
CA HIS F 134 -30.24 -20.94 -11.93
C HIS F 134 -29.18 -21.26 -13.00
N HIS F 135 -28.73 -20.24 -13.72
CA HIS F 135 -27.71 -20.40 -14.77
C HIS F 135 -26.41 -20.91 -14.17
N GLN F 136 -26.00 -20.28 -13.07
CA GLN F 136 -24.77 -20.65 -12.40
C GLN F 136 -24.89 -22.08 -11.87
N ARG F 137 -26.08 -22.46 -11.42
CA ARG F 137 -26.31 -23.79 -10.86
C ARG F 137 -26.29 -24.91 -11.86
N ILE F 138 -26.83 -24.66 -13.05
CA ILE F 138 -26.85 -25.65 -14.13
C ILE F 138 -25.44 -25.69 -14.70
N GLY F 139 -24.77 -24.55 -14.63
CA GLY F 139 -23.41 -24.44 -15.14
C GLY F 139 -22.49 -25.23 -14.27
N LEU F 140 -22.92 -25.42 -13.04
CA LEU F 140 -22.18 -26.19 -12.05
C LEU F 140 -22.52 -27.66 -12.20
N LYS F 141 -23.79 -27.95 -12.45
CA LYS F 141 -24.26 -29.33 -12.61
C LYS F 141 -23.57 -30.08 -13.73
N TYR F 142 -23.21 -29.39 -14.81
CA TYR F 142 -22.59 -30.05 -15.96
C TYR F 142 -21.11 -29.74 -16.16
N PHE F 143 -20.58 -28.78 -15.40
CA PHE F 143 -19.18 -28.33 -15.46
C PHE F 143 -18.25 -29.20 -16.33
N GLU F 144 -17.95 -30.40 -15.84
CA GLU F 144 -17.08 -31.35 -16.55
C GLU F 144 -17.50 -31.49 -18.03
N ASP F 145 -18.75 -31.88 -18.26
CA ASP F 145 -19.31 -32.06 -19.59
C ASP F 145 -19.09 -30.87 -20.53
N PHE F 146 -19.28 -29.67 -20.00
CA PHE F 146 -19.12 -28.47 -20.80
C PHE F 146 -17.68 -28.26 -21.23
N GLU F 147 -16.76 -28.86 -20.47
CA GLU F 147 -15.33 -28.76 -20.79
C GLU F 147 -15.02 -29.71 -21.95
N LYS F 148 -15.90 -30.67 -22.18
CA LYS F 148 -15.75 -31.64 -23.25
C LYS F 148 -16.25 -31.07 -24.56
N ARG F 149 -15.41 -31.12 -25.61
CA ARG F 149 -15.78 -30.62 -26.92
C ARG F 149 -16.70 -31.60 -27.65
N ILE F 150 -17.47 -31.09 -28.59
CA ILE F 150 -18.40 -31.90 -29.36
C ILE F 150 -17.75 -32.41 -30.63
N PRO F 151 -17.73 -33.74 -30.85
CA PRO F 151 -17.14 -34.27 -32.07
C PRO F 151 -18.01 -33.93 -33.27
N ARG F 152 -17.38 -33.83 -34.44
CA ARG F 152 -18.10 -33.49 -35.67
C ARG F 152 -19.23 -34.47 -35.99
N GLU F 153 -18.94 -35.76 -35.87
CA GLU F 153 -19.93 -36.80 -36.15
C GLU F 153 -21.19 -36.58 -35.32
N GLU F 154 -21.01 -36.29 -34.03
CA GLU F 154 -22.15 -36.06 -33.14
C GLU F 154 -22.92 -34.80 -33.50
N MET F 155 -22.21 -33.79 -34.02
CA MET F 155 -22.85 -32.55 -34.44
C MET F 155 -23.84 -32.85 -35.58
N LEU F 156 -23.54 -33.90 -36.34
CA LEU F 156 -24.40 -34.33 -37.44
C LEU F 156 -25.67 -34.96 -36.88
N GLN F 157 -25.51 -35.79 -35.86
CA GLN F 157 -26.66 -36.45 -35.22
C GLN F 157 -27.57 -35.36 -34.65
N MET F 158 -26.96 -34.43 -33.92
CA MET F 158 -27.69 -33.32 -33.31
C MET F 158 -28.46 -32.55 -34.37
N GLN F 159 -27.74 -32.09 -35.40
CA GLN F 159 -28.33 -31.33 -36.50
C GLN F 159 -29.54 -32.07 -37.05
N ASP F 160 -29.38 -33.39 -37.18
CA ASP F 160 -30.42 -34.26 -37.69
C ASP F 160 -31.68 -34.18 -36.84
N ILE F 161 -31.53 -34.35 -35.53
CA ILE F 161 -32.65 -34.30 -34.61
C ILE F 161 -33.31 -32.92 -34.61
N VAL F 162 -32.48 -31.86 -34.57
CA VAL F 162 -32.98 -30.50 -34.54
C VAL F 162 -33.83 -30.19 -35.76
N LEU F 163 -33.25 -30.37 -36.94
CA LEU F 163 -33.94 -30.12 -38.21
C LEU F 163 -35.18 -31.00 -38.44
N ASN F 164 -35.04 -32.30 -38.18
CA ASN F 164 -36.15 -33.23 -38.36
C ASN F 164 -37.32 -32.85 -37.48
N GLU F 165 -37.04 -32.47 -36.24
CA GLU F 165 -38.09 -32.05 -35.32
C GLU F 165 -38.59 -30.67 -35.68
N VAL F 166 -37.71 -29.86 -36.27
CA VAL F 166 -38.05 -28.51 -36.69
C VAL F 166 -39.06 -28.51 -37.85
N LYS F 167 -38.86 -29.39 -38.83
CA LYS F 167 -39.76 -29.47 -39.98
C LYS F 167 -41.09 -30.09 -39.61
N LYS F 168 -41.07 -31.10 -38.73
CA LYS F 168 -42.30 -31.77 -38.30
C LYS F 168 -43.28 -30.75 -37.74
N LEU F 169 -42.80 -29.94 -36.79
CA LEU F 169 -43.60 -28.90 -36.16
C LEU F 169 -44.25 -28.01 -37.21
N ASP F 170 -43.50 -27.75 -38.27
CA ASP F 170 -43.93 -26.92 -39.37
C ASP F 170 -42.87 -26.93 -40.46
N PRO F 171 -43.28 -27.20 -41.73
CA PRO F 171 -42.40 -27.24 -42.90
C PRO F 171 -41.74 -25.91 -43.24
N GLU F 172 -42.46 -24.81 -43.02
CA GLU F 172 -41.96 -23.46 -43.30
C GLU F 172 -40.82 -23.04 -42.35
N TYR F 173 -40.38 -23.97 -41.51
CA TYR F 173 -39.29 -23.71 -40.56
C TYR F 173 -37.92 -23.94 -41.18
N ILE F 174 -37.16 -22.86 -41.36
CA ILE F 174 -35.81 -22.95 -41.90
C ILE F 174 -34.81 -22.91 -40.73
N ALA F 175 -33.95 -23.92 -40.63
CA ALA F 175 -32.97 -23.98 -39.55
C ALA F 175 -31.57 -24.34 -40.05
N THR F 176 -30.62 -23.44 -39.81
CA THR F 176 -29.24 -23.60 -40.24
C THR F 176 -28.32 -23.62 -39.02
N VAL F 177 -27.59 -24.70 -38.82
CA VAL F 177 -26.68 -24.77 -37.68
C VAL F 177 -25.34 -24.11 -38.03
N CYS F 178 -25.14 -22.91 -37.49
CA CYS F 178 -23.92 -22.13 -37.74
C CYS F 178 -22.78 -22.50 -36.79
N GLY F 179 -21.89 -21.54 -36.56
CA GLY F 179 -20.76 -21.78 -35.67
C GLY F 179 -19.64 -22.57 -36.32
N SER F 180 -18.71 -23.07 -35.52
CA SER F 180 -17.58 -23.84 -36.03
C SER F 180 -18.00 -24.98 -36.95
N PHE F 181 -19.18 -25.54 -36.69
CA PHE F 181 -19.70 -26.64 -37.49
C PHE F 181 -19.94 -26.19 -38.94
N ARG F 182 -20.43 -24.96 -39.08
CA ARG F 182 -20.67 -24.41 -40.41
C ARG F 182 -19.31 -24.08 -41.03
N ARG F 183 -18.37 -23.64 -40.18
CA ARG F 183 -17.02 -23.33 -40.64
C ARG F 183 -16.33 -24.62 -41.07
N GLY F 184 -16.86 -25.75 -40.62
CA GLY F 184 -16.31 -27.04 -40.96
C GLY F 184 -15.18 -27.49 -40.04
N ALA F 185 -15.39 -27.38 -38.74
CA ALA F 185 -14.39 -27.77 -37.76
C ALA F 185 -14.41 -29.25 -37.40
N GLU F 186 -13.36 -29.69 -36.72
CA GLU F 186 -13.21 -31.09 -36.29
C GLU F 186 -14.19 -31.37 -35.15
N SER F 187 -14.21 -30.46 -34.18
CA SER F 187 -15.08 -30.55 -33.02
C SER F 187 -15.61 -29.15 -32.74
N SER F 188 -16.73 -29.06 -32.05
CA SER F 188 -17.34 -27.76 -31.76
C SER F 188 -17.58 -27.53 -30.29
N GLY F 189 -17.53 -26.27 -29.87
CA GLY F 189 -17.78 -25.94 -28.48
C GLY F 189 -19.24 -26.13 -28.12
N ASP F 190 -20.11 -25.36 -28.76
CA ASP F 190 -21.56 -25.43 -28.52
C ASP F 190 -22.31 -25.47 -29.85
N MET F 191 -23.61 -25.79 -29.79
CA MET F 191 -24.44 -25.85 -30.99
C MET F 191 -25.24 -24.57 -31.23
N ASP F 192 -24.86 -23.83 -32.27
CA ASP F 192 -25.52 -22.59 -32.63
C ASP F 192 -26.49 -22.83 -33.78
N VAL F 193 -27.77 -22.73 -33.51
CA VAL F 193 -28.78 -22.95 -34.56
C VAL F 193 -29.50 -21.65 -34.91
N LEU F 194 -29.52 -21.35 -36.20
CA LEU F 194 -30.14 -20.14 -36.70
C LEU F 194 -31.52 -20.50 -37.22
N LEU F 195 -32.54 -20.14 -36.45
CA LEU F 195 -33.92 -20.44 -36.83
C LEU F 195 -34.59 -19.24 -37.50
N THR F 196 -35.49 -19.53 -38.43
CA THR F 196 -36.23 -18.49 -39.14
C THR F 196 -37.55 -19.01 -39.68
N HIS F 197 -38.52 -18.11 -39.83
CA HIS F 197 -39.84 -18.47 -40.33
C HIS F 197 -40.45 -17.24 -41.03
N PRO F 198 -41.24 -17.48 -42.09
CA PRO F 198 -41.90 -16.43 -42.88
C PRO F 198 -42.75 -15.46 -42.04
N ASN F 199 -43.46 -15.99 -41.04
CA ASN F 199 -44.29 -15.18 -40.17
C ASN F 199 -43.50 -14.17 -39.34
N PHE F 200 -42.17 -14.30 -39.34
CA PHE F 200 -41.30 -13.38 -38.63
C PHE F 200 -40.47 -12.66 -39.68
N THR F 201 -40.79 -11.38 -39.87
CA THR F 201 -40.13 -10.52 -40.84
C THR F 201 -40.01 -9.16 -40.16
N SER F 202 -39.45 -8.17 -40.84
CA SER F 202 -39.32 -6.82 -40.29
C SER F 202 -40.68 -6.12 -40.29
N GLU F 203 -41.57 -6.58 -41.17
CA GLU F 203 -42.93 -6.04 -41.31
C GLU F 203 -43.87 -6.68 -40.29
N SER F 204 -43.30 -7.52 -39.41
CA SER F 204 -44.08 -8.21 -38.39
C SER F 204 -44.04 -7.48 -37.05
N SER F 205 -44.79 -8.00 -36.08
CA SER F 205 -44.86 -7.42 -34.74
C SER F 205 -44.23 -8.32 -33.64
N LYS F 206 -43.23 -9.11 -34.04
CA LYS F 206 -42.46 -10.01 -33.12
C LYS F 206 -43.28 -11.18 -32.55
N GLN F 207 -43.17 -12.36 -33.13
CA GLN F 207 -43.89 -13.57 -32.64
C GLN F 207 -43.00 -14.47 -31.73
N PRO F 208 -43.16 -14.39 -30.39
CA PRO F 208 -42.38 -15.18 -29.42
C PRO F 208 -42.60 -16.66 -29.52
N LYS F 209 -43.86 -17.02 -29.69
CA LYS F 209 -44.29 -18.43 -29.75
C LYS F 209 -43.60 -19.20 -30.85
N LEU F 210 -42.99 -18.50 -31.79
CA LEU F 210 -42.27 -19.16 -32.88
C LEU F 210 -41.05 -19.87 -32.29
N LEU F 211 -40.32 -19.14 -31.46
CA LEU F 211 -39.14 -19.71 -30.81
C LEU F 211 -39.62 -20.72 -29.75
N HIS F 212 -40.61 -20.29 -28.95
CA HIS F 212 -41.18 -21.11 -27.89
C HIS F 212 -41.62 -22.49 -28.34
N ARG F 213 -42.38 -22.55 -29.43
CA ARG F 213 -42.86 -23.82 -29.94
C ARG F 213 -41.73 -24.80 -30.19
N VAL F 214 -40.66 -24.33 -30.83
CA VAL F 214 -39.50 -25.19 -31.11
C VAL F 214 -38.83 -25.65 -29.81
N VAL F 215 -38.72 -24.74 -28.84
CA VAL F 215 -38.10 -25.09 -27.56
C VAL F 215 -38.94 -26.16 -26.88
N GLU F 216 -40.25 -25.97 -26.89
CA GLU F 216 -41.19 -26.92 -26.29
C GLU F 216 -41.18 -28.26 -27.00
N GLN F 217 -41.14 -28.24 -28.32
CA GLN F 217 -41.11 -29.46 -29.11
C GLN F 217 -39.84 -30.23 -28.76
N LEU F 218 -38.69 -29.56 -28.86
CA LEU F 218 -37.42 -30.18 -28.54
C LEU F 218 -37.35 -30.59 -27.07
N GLN F 219 -38.07 -29.86 -26.21
CA GLN F 219 -38.11 -30.19 -24.78
C GLN F 219 -38.93 -31.46 -24.62
N LYS F 220 -40.02 -31.54 -25.37
CA LYS F 220 -40.93 -32.68 -25.36
C LYS F 220 -40.22 -33.96 -25.80
N VAL F 221 -39.41 -33.88 -26.86
CA VAL F 221 -38.69 -35.03 -27.37
C VAL F 221 -37.38 -35.20 -26.57
N ARG F 222 -37.38 -34.62 -25.36
CA ARG F 222 -36.24 -34.66 -24.45
C ARG F 222 -34.87 -34.54 -25.09
N PHE F 223 -34.69 -33.47 -25.86
CA PHE F 223 -33.43 -33.17 -26.52
C PHE F 223 -32.86 -32.06 -25.66
N ILE F 224 -33.57 -30.93 -25.63
CA ILE F 224 -33.17 -29.79 -24.81
C ILE F 224 -33.49 -30.18 -23.37
N THR F 225 -32.46 -30.55 -22.61
CA THR F 225 -32.65 -30.98 -21.23
C THR F 225 -32.89 -29.84 -20.26
N ASP F 226 -32.19 -28.72 -20.45
CA ASP F 226 -32.34 -27.58 -19.55
C ASP F 226 -32.34 -26.22 -20.22
N THR F 227 -32.78 -25.22 -19.48
CA THR F 227 -32.84 -23.85 -19.96
C THR F 227 -31.87 -22.98 -19.16
N LEU F 228 -31.29 -21.97 -19.83
CA LEU F 228 -30.36 -21.03 -19.21
C LEU F 228 -30.92 -19.65 -19.48
N SER F 229 -31.32 -19.44 -20.74
CA SER F 229 -31.92 -18.18 -21.18
C SER F 229 -33.16 -18.54 -22.00
N LYS F 230 -34.12 -17.62 -22.03
CA LYS F 230 -35.36 -17.83 -22.79
C LYS F 230 -36.06 -16.51 -23.04
N GLY F 231 -36.14 -16.13 -24.32
CA GLY F 231 -36.79 -14.89 -24.69
C GLY F 231 -37.40 -15.00 -26.09
N GLU F 232 -38.00 -13.91 -26.56
CA GLU F 232 -38.63 -13.89 -27.89
C GLU F 232 -37.71 -14.27 -29.04
N THR F 233 -36.51 -13.66 -29.12
CA THR F 233 -35.58 -13.95 -30.21
C THR F 233 -34.52 -15.00 -29.91
N LYS F 234 -33.90 -14.91 -28.73
CA LYS F 234 -32.85 -15.85 -28.37
C LYS F 234 -33.14 -16.82 -27.22
N PHE F 235 -32.57 -18.01 -27.35
CA PHE F 235 -32.68 -19.07 -26.36
C PHE F 235 -31.31 -19.71 -26.13
N MET F 236 -31.04 -20.08 -24.89
CA MET F 236 -29.80 -20.74 -24.48
C MET F 236 -30.20 -21.83 -23.50
N GLY F 237 -29.62 -23.00 -23.67
CA GLY F 237 -29.92 -24.12 -22.79
C GLY F 237 -29.04 -25.32 -23.05
N VAL F 238 -29.36 -26.42 -22.37
CA VAL F 238 -28.60 -27.67 -22.50
C VAL F 238 -29.36 -28.63 -23.40
N CYS F 239 -28.65 -29.58 -23.98
CA CYS F 239 -29.25 -30.58 -24.86
C CYS F 239 -28.49 -31.89 -24.78
N GLN F 240 -29.08 -32.96 -25.28
CA GLN F 240 -28.44 -34.27 -25.23
C GLN F 240 -28.97 -35.23 -26.29
N LEU F 241 -28.14 -36.20 -26.64
CA LEU F 241 -28.49 -37.21 -27.63
C LEU F 241 -28.97 -38.46 -26.91
N PRO F 242 -30.01 -39.12 -27.45
CA PRO F 242 -30.59 -40.35 -26.88
C PRO F 242 -29.55 -41.45 -26.65
N SER F 243 -29.41 -41.82 -25.39
CA SER F 243 -28.46 -42.84 -24.97
C SER F 243 -28.85 -44.26 -25.40
N GLU F 244 -27.96 -44.90 -26.17
CA GLU F 244 -28.20 -46.26 -26.63
C GLU F 244 -28.18 -47.20 -25.43
N ASN F 245 -29.05 -48.21 -25.46
CA ASN F 245 -29.13 -49.17 -24.36
C ASN F 245 -27.79 -49.87 -24.14
N ASP F 246 -27.42 -49.92 -22.87
CA ASP F 246 -26.20 -50.60 -22.39
C ASP F 246 -24.91 -49.79 -22.64
N GLU F 247 -25.03 -48.71 -23.41
CA GLU F 247 -23.86 -47.86 -23.73
C GLU F 247 -23.95 -46.58 -22.90
N ASN F 248 -22.81 -45.97 -22.61
CA ASN F 248 -22.74 -44.75 -21.81
C ASN F 248 -23.49 -43.58 -22.47
N GLU F 249 -24.21 -42.81 -21.66
CA GLU F 249 -24.96 -41.67 -22.14
C GLU F 249 -24.06 -40.46 -22.47
N TYR F 250 -24.19 -39.97 -23.69
CA TYR F 250 -23.43 -38.83 -24.19
C TYR F 250 -23.37 -37.62 -23.25
N PRO F 251 -22.27 -36.85 -23.31
CA PRO F 251 -22.07 -35.65 -22.47
C PRO F 251 -23.13 -34.60 -22.76
N HIS F 252 -23.52 -33.84 -21.74
CA HIS F 252 -24.52 -32.80 -21.91
C HIS F 252 -23.94 -31.58 -22.59
N ARG F 253 -24.51 -31.25 -23.74
CA ARG F 253 -24.06 -30.14 -24.56
C ARG F 253 -24.75 -28.81 -24.33
N ARG F 254 -24.09 -27.74 -24.77
CA ARG F 254 -24.63 -26.39 -24.67
C ARG F 254 -25.27 -26.11 -26.01
N ILE F 255 -26.47 -25.53 -26.00
CA ILE F 255 -27.17 -25.22 -27.25
C ILE F 255 -27.74 -23.80 -27.20
N ASP F 256 -27.54 -23.07 -28.28
CA ASP F 256 -28.00 -21.69 -28.39
C ASP F 256 -28.79 -21.50 -29.68
N ILE F 257 -30.12 -21.41 -29.54
CA ILE F 257 -30.99 -21.22 -30.70
C ILE F 257 -31.24 -19.73 -30.91
N ARG F 258 -31.18 -19.30 -32.16
CA ARG F 258 -31.36 -17.89 -32.49
C ARG F 258 -32.45 -17.64 -33.53
N LEU F 259 -33.52 -16.98 -33.09
CA LEU F 259 -34.63 -16.65 -33.97
C LEU F 259 -34.30 -15.37 -34.73
N ILE F 260 -34.26 -15.47 -36.06
CA ILE F 260 -33.93 -14.33 -36.91
C ILE F 260 -34.99 -14.07 -37.99
N PRO F 261 -35.36 -12.79 -38.18
CA PRO F 261 -36.35 -12.42 -39.19
C PRO F 261 -35.94 -12.93 -40.58
N LYS F 262 -36.91 -13.49 -41.30
CA LYS F 262 -36.71 -14.05 -42.63
C LYS F 262 -35.93 -13.15 -43.59
N ASP F 263 -36.29 -11.86 -43.62
CA ASP F 263 -35.62 -10.92 -44.52
C ASP F 263 -34.28 -10.40 -44.04
N GLN F 264 -33.82 -10.90 -42.89
CA GLN F 264 -32.54 -10.51 -42.32
C GLN F 264 -31.69 -11.77 -42.11
N TYR F 265 -32.15 -12.88 -42.68
CA TYR F 265 -31.46 -14.17 -42.59
C TYR F 265 -29.98 -14.15 -42.95
N TYR F 266 -29.62 -13.36 -43.96
CA TYR F 266 -28.23 -13.30 -44.39
C TYR F 266 -27.28 -12.62 -43.42
N CYS F 267 -27.69 -11.46 -42.86
CA CYS F 267 -26.83 -10.83 -41.86
C CYS F 267 -26.74 -11.83 -40.70
N GLY F 268 -27.86 -12.52 -40.45
CA GLY F 268 -27.94 -13.52 -39.39
C GLY F 268 -26.84 -14.58 -39.43
N VAL F 269 -26.64 -15.20 -40.59
CA VAL F 269 -25.58 -16.22 -40.72
C VAL F 269 -24.21 -15.56 -40.58
N LEU F 270 -24.11 -14.31 -41.02
CA LEU F 270 -22.84 -13.58 -40.94
C LEU F 270 -22.41 -13.59 -39.49
N TYR F 271 -23.24 -12.99 -38.64
CA TYR F 271 -22.96 -12.94 -37.22
C TYR F 271 -22.76 -14.35 -36.66
N PHE F 272 -23.80 -15.17 -36.72
CA PHE F 272 -23.75 -16.52 -36.17
C PHE F 272 -22.71 -17.52 -36.65
N THR F 273 -22.02 -17.22 -37.74
CA THR F 273 -21.02 -18.14 -38.24
C THR F 273 -19.60 -17.64 -38.08
N GLY F 274 -19.35 -16.41 -38.52
CA GLY F 274 -18.04 -15.79 -38.44
C GLY F 274 -17.06 -16.27 -37.37
N SER F 275 -16.90 -15.43 -36.35
CA SER F 275 -16.02 -15.69 -35.22
C SER F 275 -16.04 -14.42 -34.40
N ASP F 276 -15.91 -14.53 -33.07
CA ASP F 276 -15.90 -13.34 -32.23
C ASP F 276 -14.86 -12.35 -32.76
N ILE F 277 -13.80 -12.91 -33.35
CA ILE F 277 -12.71 -12.14 -33.93
C ILE F 277 -13.09 -11.72 -35.34
N PHE F 278 -13.42 -12.69 -36.20
CA PHE F 278 -13.80 -12.38 -37.58
C PHE F 278 -14.83 -11.26 -37.64
N ASN F 279 -16.00 -11.49 -37.04
CA ASN F 279 -17.06 -10.49 -37.01
C ASN F 279 -16.52 -9.14 -36.57
N LYS F 280 -15.62 -9.16 -35.58
CA LYS F 280 -15.03 -7.94 -35.05
C LYS F 280 -14.11 -7.24 -36.05
N ASN F 281 -13.45 -8.01 -36.91
CA ASN F 281 -12.54 -7.44 -37.91
C ASN F 281 -13.34 -7.02 -39.14
N MET F 282 -14.46 -7.71 -39.37
CA MET F 282 -15.33 -7.42 -40.49
C MET F 282 -16.16 -6.19 -40.15
N ARG F 283 -16.76 -6.20 -38.97
CA ARG F 283 -17.58 -5.08 -38.50
C ARG F 283 -16.73 -3.84 -38.31
N ALA F 284 -15.50 -4.03 -37.83
CA ALA F 284 -14.57 -2.92 -37.61
C ALA F 284 -14.24 -2.25 -38.94
N HIS F 285 -14.17 -3.06 -39.99
CA HIS F 285 -13.89 -2.57 -41.32
C HIS F 285 -15.05 -1.71 -41.85
N ALA F 286 -16.25 -2.02 -41.37
CA ALA F 286 -17.46 -1.31 -41.77
C ALA F 286 -17.43 0.17 -41.42
N LEU F 287 -17.13 0.49 -40.15
CA LEU F 287 -17.08 1.90 -39.72
C LEU F 287 -16.04 2.67 -40.51
N GLU F 288 -14.98 1.98 -40.90
CA GLU F 288 -13.89 2.56 -41.68
C GLU F 288 -14.42 2.91 -43.06
N LYS F 289 -15.43 2.17 -43.51
CA LYS F 289 -16.04 2.37 -44.81
C LYS F 289 -17.29 3.26 -44.74
N GLY F 290 -17.78 3.50 -43.53
CA GLY F 290 -18.99 4.31 -43.38
C GLY F 290 -20.21 3.41 -43.43
N PHE F 291 -20.13 2.31 -42.70
CA PHE F 291 -21.20 1.32 -42.62
C PHE F 291 -21.32 0.80 -41.19
N THR F 292 -22.41 0.09 -40.91
CA THR F 292 -22.66 -0.47 -39.58
C THR F 292 -23.30 -1.83 -39.72
N ILE F 293 -22.48 -2.88 -39.72
CA ILE F 293 -22.99 -4.23 -39.82
C ILE F 293 -23.55 -4.68 -38.48
N ASN F 294 -24.74 -5.28 -38.54
CA ASN F 294 -25.43 -5.77 -37.35
C ASN F 294 -25.76 -7.24 -37.63
N GLU F 295 -26.28 -7.94 -36.63
CA GLU F 295 -26.65 -9.34 -36.86
C GLU F 295 -27.95 -9.42 -37.67
N TYR F 296 -28.63 -8.28 -37.80
CA TYR F 296 -29.88 -8.16 -38.54
C TYR F 296 -29.70 -7.41 -39.85
N THR F 297 -29.37 -6.12 -39.74
CA THR F 297 -29.21 -5.26 -40.89
C THR F 297 -27.77 -4.78 -41.14
N ILE F 298 -27.61 -4.08 -42.25
CA ILE F 298 -26.35 -3.49 -42.66
C ILE F 298 -26.73 -2.12 -43.20
N ARG F 299 -26.48 -1.08 -42.41
CA ARG F 299 -26.82 0.27 -42.83
C ARG F 299 -25.62 1.20 -42.88
N PRO F 300 -25.62 2.14 -43.85
CA PRO F 300 -24.53 3.10 -44.01
C PRO F 300 -24.49 4.15 -42.91
N LEU F 301 -23.28 4.43 -42.44
CA LEU F 301 -23.11 5.45 -41.41
C LEU F 301 -23.42 6.80 -42.03
N GLY F 302 -24.01 7.69 -41.24
CA GLY F 302 -24.34 9.00 -41.75
C GLY F 302 -23.12 9.79 -42.13
N VAL F 303 -23.34 10.84 -42.92
CA VAL F 303 -22.26 11.71 -43.37
C VAL F 303 -21.61 12.30 -42.12
N THR F 304 -22.42 12.48 -41.08
CA THR F 304 -21.97 13.02 -39.80
C THR F 304 -21.84 11.93 -38.73
N GLY F 305 -22.22 10.69 -39.08
CA GLY F 305 -22.13 9.59 -38.14
C GLY F 305 -23.37 8.72 -37.96
N VAL F 306 -24.48 9.36 -37.57
CA VAL F 306 -25.78 8.69 -37.32
C VAL F 306 -26.17 7.59 -38.31
N ALA F 307 -26.74 6.51 -37.79
CA ALA F 307 -27.18 5.37 -38.61
C ALA F 307 -28.46 5.58 -39.40
N GLY F 308 -28.46 5.10 -40.65
CA GLY F 308 -29.62 5.24 -41.52
C GLY F 308 -30.41 3.97 -41.75
N GLU F 309 -31.04 3.88 -42.93
CA GLU F 309 -31.85 2.72 -43.31
C GLU F 309 -31.07 1.55 -43.87
N PRO F 310 -31.49 0.31 -43.51
CA PRO F 310 -30.86 -0.94 -43.96
C PRO F 310 -30.66 -1.08 -45.46
N LEU F 311 -29.54 -1.72 -45.81
CA LEU F 311 -29.16 -1.96 -47.20
C LEU F 311 -29.65 -3.33 -47.65
N PRO F 312 -30.21 -3.40 -48.86
CA PRO F 312 -30.72 -4.66 -49.43
C PRO F 312 -29.63 -5.72 -49.53
N VAL F 313 -29.98 -6.95 -49.22
CA VAL F 313 -29.04 -8.06 -49.28
C VAL F 313 -29.79 -9.35 -49.60
N ASP F 314 -29.32 -10.07 -50.61
CA ASP F 314 -29.95 -11.33 -51.02
C ASP F 314 -28.94 -12.48 -50.99
N SER F 315 -27.86 -12.30 -50.24
CA SER F 315 -26.81 -13.31 -50.07
C SER F 315 -25.69 -12.80 -49.17
N GLU F 316 -24.90 -13.71 -48.61
CA GLU F 316 -23.78 -13.36 -47.74
C GLU F 316 -22.79 -12.45 -48.48
N GLN F 317 -22.63 -12.72 -49.77
CA GLN F 317 -21.73 -11.97 -50.64
C GLN F 317 -22.06 -10.48 -50.73
N ASP F 318 -23.37 -10.17 -50.72
CA ASP F 318 -23.84 -8.79 -50.79
C ASP F 318 -23.27 -7.88 -49.71
N ILE F 319 -23.17 -8.41 -48.49
CA ILE F 319 -22.64 -7.65 -47.37
C ILE F 319 -21.14 -7.39 -47.57
N PHE F 320 -20.42 -8.46 -47.93
CA PHE F 320 -18.98 -8.37 -48.18
C PHE F 320 -18.67 -7.32 -49.25
N ASP F 321 -19.53 -7.22 -50.26
CA ASP F 321 -19.33 -6.26 -51.35
C ASP F 321 -19.48 -4.81 -50.92
N TYR F 322 -20.48 -4.54 -50.07
CA TYR F 322 -20.74 -3.18 -49.60
C TYR F 322 -19.54 -2.48 -48.98
N ILE F 323 -18.80 -3.21 -48.13
CA ILE F 323 -17.62 -2.66 -47.47
C ILE F 323 -16.35 -2.95 -48.29
N GLN F 324 -16.54 -3.05 -49.61
CA GLN F 324 -15.46 -3.33 -50.57
C GLN F 324 -14.51 -4.45 -50.15
N TRP F 325 -15.01 -5.40 -49.37
CA TRP F 325 -14.19 -6.51 -48.91
C TRP F 325 -14.33 -7.78 -49.72
N ARG F 326 -13.18 -8.44 -49.93
CA ARG F 326 -13.11 -9.71 -50.66
C ARG F 326 -13.95 -10.72 -49.91
N TYR F 327 -14.70 -11.54 -50.65
CA TYR F 327 -15.55 -12.55 -50.02
C TYR F 327 -14.75 -13.63 -49.31
N ARG F 328 -15.07 -13.88 -48.04
CA ARG F 328 -14.38 -14.88 -47.24
C ARG F 328 -15.24 -16.12 -47.01
N GLU F 329 -14.79 -17.24 -47.58
CA GLU F 329 -15.48 -18.53 -47.46
C GLU F 329 -15.38 -19.00 -46.01
N PRO F 330 -16.49 -19.52 -45.44
CA PRO F 330 -16.54 -20.01 -44.06
C PRO F 330 -15.57 -21.17 -43.79
N LYS F 331 -14.36 -20.78 -43.40
CA LYS F 331 -13.26 -21.70 -43.09
C LYS F 331 -12.00 -20.85 -43.01
N ASP F 332 -12.13 -19.60 -43.47
CA ASP F 332 -11.05 -18.63 -43.47
C ASP F 332 -11.47 -17.45 -42.61
N ARG F 333 -12.33 -17.72 -41.63
CA ARG F 333 -12.84 -16.67 -40.74
C ARG F 333 -12.35 -16.85 -39.30
N SER F 334 -11.08 -16.52 -39.07
CA SER F 334 -10.49 -16.64 -37.74
C SER F 334 -9.54 -15.48 -37.46
#